data_5YPU
#
_entry.id   5YPU
#
_cell.length_a   174.861
_cell.length_b   40.832
_cell.length_c   109.000
_cell.angle_alpha   90.000
_cell.angle_beta   101.760
_cell.angle_gamma   90.000
#
_symmetry.space_group_name_H-M   'C 1 2 1'
#
loop_
_entity.id
_entity.type
_entity.pdbx_description
1 polymer 'Actin, alpha skeletal muscle'
2 polymer 'Cordon-Bleu WH2 motif'
3 non-polymer "ADENOSINE-5'-TRIPHOSPHATE"
4 non-polymer 'CALCIUM ION'
5 water water
#
loop_
_entity_poly.entity_id
_entity_poly.type
_entity_poly.pdbx_seq_one_letter_code
_entity_poly.pdbx_strand_id
1 'polypeptide(L)'
;TTALVCDNGSGLVKAGFAGDDAPRAVFPSIVGRPRHQGVMVGMGQKDSYVGDEAQSKRGILTLKYPIEHGIITNWDDMEK
IWHHTFYNELRVAPEEHPTLLTEAPLNPKANREKMTQIMFETFNVPAMYVAIQAVLSLYASGRTTGIVLDSGDGVTHNVP
IYEGYALPHAIMRLDLAGRDLTDYLMKILTERGYSFVTTAEREIVRDIKEKLCYVALDFENEMATAASSSSLEKSYELPD
GQVITIGNERFRCPETLFQPSFIGMESAGIHETTYNSIMKCDIDIRKDLYANNVMSGGTTMYPGIADRMQKEITALAPST
MKIKIIAPPERKYSVWIGGSILASLSTFQQMWITKQEYDEAGPSIVHR
;
A,C
2 'polypeptide(L)' SLHSAL(NLE)EAIHSSGGREKLRKV B,D
#
loop_
_chem_comp.id
_chem_comp.type
_chem_comp.name
_chem_comp.formula
ATP non-polymer ADENOSINE-5'-TRIPHOSPHATE 'C10 H16 N5 O13 P3'
CA non-polymer 'CALCIUM ION' 'Ca 2'
#
# COMPACT_ATOMS: atom_id res chain seq x y z
N THR A 1 1.77 -8.76 -54.66
CA THR A 1 2.34 -7.59 -53.92
C THR A 1 1.95 -7.64 -52.45
N THR A 2 2.88 -8.05 -51.60
CA THR A 2 2.60 -8.22 -50.18
C THR A 2 3.40 -7.18 -49.41
N ALA A 3 2.74 -6.49 -48.50
CA ALA A 3 3.42 -5.48 -47.70
C ALA A 3 4.26 -6.12 -46.59
N LEU A 4 5.29 -5.42 -46.18
CA LEU A 4 6.14 -5.82 -45.09
C LEU A 4 5.93 -4.89 -43.91
N VAL A 5 6.13 -5.41 -42.72
CA VAL A 5 6.07 -4.63 -41.49
C VAL A 5 7.39 -4.80 -40.75
N CYS A 6 8.08 -3.70 -40.50
CA CYS A 6 9.32 -3.75 -39.76
C CYS A 6 9.19 -2.83 -38.54
N ASP A 7 9.25 -3.45 -37.36
CA ASP A 7 9.16 -2.74 -36.09
C ASP A 7 10.56 -2.76 -35.44
N ASN A 8 11.26 -1.63 -35.55
CA ASN A 8 12.64 -1.51 -35.05
C ASN A 8 12.70 -0.99 -33.61
N GLY A 9 13.19 -1.84 -32.71
CA GLY A 9 13.28 -1.47 -31.30
C GLY A 9 14.71 -1.31 -30.87
N SER A 10 14.90 -0.76 -29.68
CA SER A 10 16.26 -0.58 -29.13
C SER A 10 17.02 -1.89 -29.01
N GLY A 11 16.31 -2.96 -28.66
CA GLY A 11 16.92 -4.27 -28.44
C GLY A 11 16.66 -5.29 -29.53
N LEU A 12 15.45 -5.26 -30.10
CA LEU A 12 15.01 -6.29 -31.04
C LEU A 12 14.32 -5.69 -32.27
N VAL A 13 14.63 -6.27 -33.42
CA VAL A 13 13.90 -6.02 -34.63
C VAL A 13 12.83 -7.06 -34.69
N LYS A 14 11.60 -6.67 -34.93
CA LYS A 14 10.54 -7.61 -35.29
C LYS A 14 10.10 -7.26 -36.69
N ALA A 15 10.12 -8.27 -37.56
CA ALA A 15 9.81 -8.06 -38.95
C ALA A 15 9.07 -9.24 -39.55
N GLY A 16 8.33 -8.96 -40.61
CA GLY A 16 7.51 -9.95 -41.25
C GLY A 16 6.62 -9.38 -42.34
N PHE A 17 5.61 -10.17 -42.70
CA PHE A 17 4.69 -9.86 -43.79
C PHE A 17 3.36 -9.40 -43.25
N ALA A 18 2.85 -8.29 -43.77
CA ALA A 18 1.53 -7.82 -43.43
C ALA A 18 0.55 -8.93 -43.71
N GLY A 19 -0.42 -9.08 -42.81
CA GLY A 19 -1.40 -10.16 -42.91
C GLY A 19 -1.04 -11.36 -42.07
N ASP A 20 0.23 -11.53 -41.70
CA ASP A 20 0.60 -12.62 -40.77
C ASP A 20 0.24 -12.26 -39.32
N ASP A 21 0.04 -13.28 -38.47
CA ASP A 21 -0.36 -12.99 -37.08
C ASP A 21 0.81 -12.72 -36.14
N ALA A 22 2.03 -12.81 -36.65
CA ALA A 22 3.22 -12.64 -35.81
C ALA A 22 4.39 -12.41 -36.72
N PRO A 23 5.43 -11.69 -36.22
CA PRO A 23 6.62 -11.47 -37.00
C PRO A 23 7.42 -12.76 -37.17
N ARG A 24 7.81 -13.05 -38.40
CA ARG A 24 8.59 -14.25 -38.66
C ARG A 24 10.02 -14.05 -38.21
N ALA A 25 10.48 -12.81 -38.21
CA ALA A 25 11.87 -12.54 -37.90
C ALA A 25 11.96 -11.69 -36.64
N VAL A 26 12.68 -12.18 -35.66
CA VAL A 26 12.93 -11.43 -34.45
C VAL A 26 14.38 -11.63 -34.09
N PHE A 27 15.16 -10.56 -34.06
CA PHE A 27 16.57 -10.70 -33.84
C PHE A 27 17.14 -9.45 -33.19
N PRO A 28 18.30 -9.58 -32.54
CA PRO A 28 18.88 -8.42 -31.87
C PRO A 28 19.26 -7.28 -32.82
N SER A 29 18.92 -6.05 -32.43
CA SER A 29 19.21 -4.85 -33.17
C SER A 29 20.64 -4.40 -32.85
N ILE A 30 21.59 -5.18 -33.34
CA ILE A 30 22.98 -5.05 -32.94
C ILE A 30 23.81 -5.14 -34.23
N VAL A 31 24.86 -4.32 -34.31
CA VAL A 31 25.81 -4.41 -35.39
C VAL A 31 27.16 -4.60 -34.72
N GLY A 32 27.85 -5.67 -35.10
CA GLY A 32 29.13 -6.05 -34.48
C GLY A 32 30.32 -5.72 -35.35
N SER A 48 31.74 -6.13 -40.72
CA SER A 48 30.55 -5.97 -39.89
C SER A 48 29.65 -7.22 -39.83
N TYR A 49 28.94 -7.39 -38.72
CA TYR A 49 27.95 -8.46 -38.57
C TYR A 49 26.69 -7.94 -37.90
N VAL A 50 25.56 -8.52 -38.25
CA VAL A 50 24.25 -8.07 -37.76
C VAL A 50 23.44 -9.15 -37.08
N GLY A 51 22.89 -8.82 -35.91
CA GLY A 51 21.93 -9.69 -35.25
C GLY A 51 22.58 -10.86 -34.59
N ASP A 52 22.03 -12.05 -34.84
CA ASP A 52 22.50 -13.29 -34.19
C ASP A 52 23.95 -13.58 -34.54
N GLU A 53 24.30 -13.36 -35.81
CA GLU A 53 25.68 -13.47 -36.26
C GLU A 53 26.64 -12.76 -35.30
N ALA A 54 26.28 -11.52 -34.93
CA ALA A 54 27.18 -10.64 -34.19
C ALA A 54 27.45 -11.10 -32.77
N GLN A 55 26.44 -11.66 -32.11
CA GLN A 55 26.58 -12.10 -30.72
C GLN A 55 27.45 -13.34 -30.60
N SER A 56 27.16 -14.33 -31.45
CA SER A 56 27.96 -15.54 -31.47
C SER A 56 29.44 -15.17 -31.65
N LYS A 57 29.73 -14.25 -32.58
CA LYS A 57 31.09 -13.81 -32.84
C LYS A 57 31.43 -12.52 -32.08
N ARG A 58 31.11 -12.49 -30.78
CA ARG A 58 31.40 -11.33 -29.94
C ARG A 58 32.88 -10.96 -29.99
N GLY A 59 33.71 -11.89 -29.53
CA GLY A 59 35.16 -11.72 -29.49
C GLY A 59 35.59 -10.38 -28.93
N LEU A 61 35.05 -7.97 -33.48
CA LEU A 61 34.41 -6.66 -33.49
C LEU A 61 33.65 -6.32 -32.19
N THR A 62 33.41 -5.02 -31.99
CA THR A 62 32.60 -4.53 -30.88
C THR A 62 31.14 -4.45 -31.28
N LEU A 63 30.25 -4.48 -30.30
CA LEU A 63 28.81 -4.39 -30.54
C LEU A 63 28.27 -2.98 -30.36
N LYS A 64 27.51 -2.51 -31.36
CA LYS A 64 26.81 -1.23 -31.27
C LYS A 64 25.29 -1.40 -31.48
N TYR A 65 24.53 -0.61 -30.73
CA TYR A 65 23.07 -0.55 -30.84
C TYR A 65 22.72 0.73 -31.59
N PRO A 66 22.25 0.61 -32.85
CA PRO A 66 21.91 1.81 -33.62
C PRO A 66 20.65 2.56 -33.17
N ILE A 67 19.82 1.94 -32.34
CA ILE A 67 18.66 2.58 -31.77
C ILE A 67 18.86 2.67 -30.28
N GLU A 68 18.78 3.89 -29.74
CA GLU A 68 18.95 4.14 -28.33
C GLU A 68 17.71 4.81 -27.79
N HIS A 69 17.10 4.20 -26.77
CA HIS A 69 15.87 4.72 -26.20
C HIS A 69 14.77 4.92 -27.26
N GLY A 70 14.73 4.07 -28.28
CA GLY A 70 13.68 4.13 -29.29
C GLY A 70 14.01 4.95 -30.52
N ILE A 71 15.04 5.80 -30.43
CA ILE A 71 15.40 6.72 -31.48
C ILE A 71 16.61 6.17 -32.23
N ILE A 72 16.56 6.19 -33.55
CA ILE A 72 17.70 5.86 -34.38
C ILE A 72 18.80 6.91 -34.20
N THR A 73 19.98 6.49 -33.78
CA THR A 73 21.11 7.41 -33.56
C THR A 73 22.35 7.10 -34.40
N ASN A 74 22.38 5.95 -35.05
CA ASN A 74 23.49 5.61 -35.92
C ASN A 74 22.92 5.13 -37.24
N TRP A 75 22.92 6.02 -38.22
CA TRP A 75 22.25 5.78 -39.50
C TRP A 75 22.94 4.78 -40.40
N ASP A 76 24.26 4.73 -40.33
CA ASP A 76 25.03 3.75 -41.12
C ASP A 76 24.72 2.34 -40.62
N ASP A 77 24.77 2.16 -39.31
CA ASP A 77 24.46 0.83 -38.73
C ASP A 77 22.98 0.49 -38.88
N MET A 78 22.10 1.49 -38.80
CA MET A 78 20.67 1.24 -39.03
C MET A 78 20.41 0.70 -40.42
N GLU A 79 21.11 1.27 -41.40
CA GLU A 79 21.03 0.79 -42.77
C GLU A 79 21.45 -0.68 -42.90
N LYS A 80 22.52 -1.08 -42.22
CA LYS A 80 22.92 -2.49 -42.19
C LYS A 80 21.81 -3.35 -41.57
N ILE A 81 21.18 -2.88 -40.50
CA ILE A 81 20.04 -3.62 -39.95
C ILE A 81 18.89 -3.79 -40.94
N TRP A 82 18.54 -2.73 -41.65
CA TRP A 82 17.43 -2.85 -42.61
C TRP A 82 17.79 -3.77 -43.76
N HIS A 83 19.05 -3.72 -44.18
CA HIS A 83 19.52 -4.59 -45.26
C HIS A 83 19.46 -6.07 -44.88
N HIS A 84 20.00 -6.36 -43.72
CA HIS A 84 19.94 -7.69 -43.12
C HIS A 84 18.49 -8.17 -42.98
N THR A 85 17.58 -7.26 -42.59
CA THR A 85 16.17 -7.60 -42.46
C THR A 85 15.59 -8.03 -43.78
N PHE A 86 15.81 -7.21 -44.81
CA PHE A 86 15.21 -7.49 -46.10
C PHE A 86 15.83 -8.73 -46.72
N TYR A 87 17.16 -8.76 -46.76
CA TYR A 87 17.83 -9.78 -47.54
C TYR A 87 18.02 -11.10 -46.79
N ASN A 88 18.62 -11.07 -45.61
CA ASN A 88 18.99 -12.28 -44.90
C ASN A 88 17.86 -12.89 -44.08
N GLU A 89 17.04 -12.06 -43.44
CA GLU A 89 15.95 -12.55 -42.60
C GLU A 89 14.68 -12.86 -43.41
N LEU A 90 14.15 -11.88 -44.12
CA LEU A 90 12.90 -12.10 -44.86
C LEU A 90 13.10 -12.61 -46.29
N ARG A 91 14.33 -12.48 -46.82
CA ARG A 91 14.66 -13.00 -48.16
C ARG A 91 13.75 -12.39 -49.21
N VAL A 92 13.67 -11.06 -49.23
CA VAL A 92 12.83 -10.35 -50.19
C VAL A 92 13.63 -9.33 -51.00
N ALA A 93 13.04 -8.92 -52.12
CA ALA A 93 13.50 -7.75 -52.87
C ALA A 93 12.66 -6.56 -52.41
N PRO A 94 13.25 -5.62 -51.66
CA PRO A 94 12.47 -4.52 -51.09
C PRO A 94 11.75 -3.68 -52.13
N GLU A 95 12.33 -3.58 -53.32
CA GLU A 95 11.69 -2.83 -54.41
C GLU A 95 10.34 -3.39 -54.84
N GLU A 96 9.99 -4.61 -54.41
CA GLU A 96 8.69 -5.21 -54.72
C GLU A 96 7.65 -5.10 -53.59
N HIS A 97 8.01 -4.52 -52.46
CA HIS A 97 7.13 -4.59 -51.28
C HIS A 97 6.90 -3.26 -50.61
N PRO A 98 5.64 -2.79 -50.60
CA PRO A 98 5.35 -1.67 -49.74
C PRO A 98 5.82 -2.00 -48.34
N THR A 99 6.41 -1.05 -47.61
CA THR A 99 6.99 -1.34 -46.31
C THR A 99 6.48 -0.37 -45.24
N LEU A 100 5.88 -0.92 -44.19
CA LEU A 100 5.44 -0.15 -43.05
C LEU A 100 6.52 -0.23 -41.97
N LEU A 101 7.01 0.92 -41.54
CA LEU A 101 8.00 1.00 -40.45
C LEU A 101 7.33 1.62 -39.24
N THR A 102 8.01 1.54 -38.09
CA THR A 102 7.50 2.12 -36.85
C THR A 102 8.50 3.13 -36.27
N GLU A 103 7.99 4.04 -35.46
CA GLU A 103 8.84 5.01 -34.77
C GLU A 103 8.36 5.24 -33.34
N ALA A 104 9.27 5.67 -32.49
CA ALA A 104 8.94 6.06 -31.13
C ALA A 104 8.03 7.29 -31.10
N PRO A 105 7.21 7.42 -30.06
CA PRO A 105 6.53 8.67 -29.80
C PRO A 105 7.56 9.81 -29.71
N LEU A 106 7.22 10.97 -30.27
CA LEU A 106 8.08 12.18 -30.24
C LEU A 106 9.37 12.03 -31.06
N ASN A 107 9.42 11.06 -31.96
CA ASN A 107 10.53 10.95 -32.90
C ASN A 107 10.70 12.27 -33.65
N PRO A 108 11.89 12.86 -33.63
CA PRO A 108 12.01 14.13 -34.34
C PRO A 108 11.68 14.02 -35.84
N LYS A 109 11.11 15.09 -36.38
CA LYS A 109 10.78 15.16 -37.80
C LYS A 109 11.94 14.80 -38.72
N ALA A 110 13.14 15.28 -38.38
CA ALA A 110 14.32 15.01 -39.18
C ALA A 110 14.58 13.51 -39.30
N ASN A 111 14.34 12.76 -38.23
CA ASN A 111 14.59 11.30 -38.26
C ASN A 111 13.58 10.61 -39.14
N ARG A 112 12.32 11.04 -39.05
CA ARG A 112 11.29 10.49 -39.90
C ARG A 112 11.60 10.68 -41.39
N GLU A 113 12.06 11.88 -41.73
CA GLU A 113 12.46 12.18 -43.11
C GLU A 113 13.59 11.31 -43.57
N LYS A 114 14.60 11.13 -42.72
CA LYS A 114 15.78 10.36 -43.10
C LYS A 114 15.46 8.86 -43.28
N MET A 115 14.59 8.32 -42.43
CA MET A 115 14.04 6.97 -42.62
C MET A 115 13.35 6.88 -44.00
N THR A 116 12.55 7.88 -44.34
CA THR A 116 11.84 7.90 -45.61
C THR A 116 12.82 7.95 -46.78
N GLN A 117 13.81 8.81 -46.67
CA GLN A 117 14.82 8.95 -47.70
C GLN A 117 15.61 7.67 -47.91
N ILE A 118 16.05 7.02 -46.83
CA ILE A 118 16.75 5.74 -46.96
C ILE A 118 15.86 4.65 -47.60
N MET A 119 14.59 4.56 -47.21
CA MET A 119 13.71 3.54 -47.75
C MET A 119 13.50 3.69 -49.24
N PHE A 120 13.25 4.92 -49.68
CA PHE A 120 13.03 5.14 -51.11
C PHE A 120 14.33 5.18 -51.91
N GLU A 121 15.38 5.79 -51.38
CA GLU A 121 16.59 5.97 -52.18
C GLU A 121 17.58 4.83 -52.11
N THR A 122 17.72 4.22 -50.94
CA THR A 122 18.66 3.11 -50.81
C THR A 122 17.99 1.77 -51.13
N PHE A 123 16.78 1.56 -50.62
CA PHE A 123 16.11 0.28 -50.78
C PHE A 123 15.06 0.26 -51.89
N ASN A 124 14.71 1.42 -52.41
CA ASN A 124 13.83 1.54 -53.55
C ASN A 124 12.44 0.97 -53.39
N VAL A 125 11.90 1.11 -52.19
CA VAL A 125 10.55 0.60 -51.94
C VAL A 125 9.51 1.28 -52.82
N PRO A 126 8.48 0.54 -53.22
CA PRO A 126 7.46 1.11 -54.05
C PRO A 126 6.52 2.02 -53.28
N ALA A 127 6.48 1.82 -51.97
CA ALA A 127 5.65 2.62 -51.07
C ALA A 127 6.10 2.40 -49.63
N MET A 128 5.79 3.34 -48.75
CA MET A 128 6.12 3.17 -47.36
C MET A 128 5.19 3.98 -46.47
N TYR A 129 5.30 3.71 -45.17
CA TYR A 129 4.51 4.40 -44.14
C TYR A 129 5.22 4.25 -42.80
N VAL A 130 5.13 5.28 -41.96
CA VAL A 130 5.72 5.23 -40.64
C VAL A 130 4.61 5.48 -39.63
N ALA A 131 4.40 4.52 -38.74
CA ALA A 131 3.39 4.61 -37.71
C ALA A 131 4.03 4.70 -36.34
N ILE A 132 3.35 5.35 -35.41
CA ILE A 132 3.83 5.45 -34.05
C ILE A 132 3.59 4.09 -33.38
N GLN A 133 4.63 3.53 -32.76
CA GLN A 133 4.58 2.22 -32.11
C GLN A 133 3.39 2.05 -31.14
N ALA A 134 3.23 2.95 -30.18
CA ALA A 134 2.16 2.79 -29.19
C ALA A 134 0.80 2.76 -29.88
N VAL A 135 0.64 3.56 -30.92
CA VAL A 135 -0.62 3.64 -31.64
C VAL A 135 -0.91 2.31 -32.30
N LEU A 136 0.11 1.66 -32.85
CA LEU A 136 -0.08 0.33 -33.43
C LEU A 136 -0.53 -0.67 -32.36
N SER A 137 0.06 -0.60 -31.17
CA SER A 137 -0.31 -1.54 -30.09
C SER A 137 -1.76 -1.36 -29.71
N LEU A 138 -2.22 -0.10 -29.66
CA LEU A 138 -3.63 0.19 -29.39
C LEU A 138 -4.55 -0.46 -30.46
N TYR A 139 -4.21 -0.25 -31.74
CA TYR A 139 -4.94 -0.87 -32.86
C TYR A 139 -5.01 -2.38 -32.75
N ALA A 140 -3.94 -3.01 -32.26
CA ALA A 140 -3.90 -4.46 -32.16
C ALA A 140 -4.90 -4.97 -31.12
N SER A 141 -5.27 -4.14 -30.16
CA SER A 141 -6.29 -4.52 -29.19
C SER A 141 -7.69 -4.12 -29.64
N GLY A 142 -7.88 -3.73 -30.91
CA GLY A 142 -9.21 -3.33 -31.38
C GLY A 142 -9.63 -1.91 -31.00
N ARG A 143 -8.70 -1.09 -30.49
CA ARG A 143 -9.05 0.24 -29.97
C ARG A 143 -8.44 1.39 -30.78
N THR A 144 -9.13 2.54 -30.76
CA THR A 144 -8.64 3.77 -31.37
C THR A 144 -8.59 4.92 -30.35
N THR A 145 -9.18 4.72 -29.19
CA THR A 145 -8.91 5.59 -28.04
C THR A 145 -8.46 4.75 -26.83
N GLY A 146 -7.45 5.25 -26.09
CA GLY A 146 -6.95 4.57 -24.92
C GLY A 146 -5.60 5.13 -24.54
N ILE A 147 -4.96 4.51 -23.56
CA ILE A 147 -3.62 4.92 -23.12
C ILE A 147 -2.72 3.71 -23.07
N VAL A 148 -1.66 3.78 -23.84
CA VAL A 148 -0.74 2.67 -23.97
C VAL A 148 0.45 2.88 -23.05
N LEU A 149 0.84 1.82 -22.35
CA LEU A 149 2.13 1.76 -21.66
C LEU A 149 2.99 0.79 -22.48
N ASP A 150 4.01 1.33 -23.14
CA ASP A 150 4.84 0.55 -24.06
C ASP A 150 6.20 0.55 -23.40
N SER A 151 6.68 -0.64 -23.03
CA SER A 151 7.93 -0.77 -22.32
C SER A 151 8.73 -1.91 -22.93
N GLY A 152 9.87 -1.57 -23.54
CA GLY A 152 10.70 -2.52 -24.27
C GLY A 152 12.04 -2.75 -23.59
N ASP A 153 13.12 -2.72 -24.37
CA ASP A 153 14.45 -2.98 -23.84
C ASP A 153 15.16 -1.69 -23.47
N GLY A 154 14.75 -0.58 -24.07
CA GLY A 154 15.50 0.66 -23.95
C GLY A 154 14.70 1.85 -23.47
N VAL A 155 13.38 1.83 -23.61
CA VAL A 155 12.60 2.98 -23.22
C VAL A 155 11.20 2.53 -22.86
N THR A 156 10.56 3.31 -22.01
CA THR A 156 9.18 3.14 -21.69
C THR A 156 8.43 4.47 -22.00
N HIS A 157 7.23 4.37 -22.53
CA HIS A 157 6.40 5.53 -22.78
C HIS A 157 5.00 5.29 -22.30
N ASN A 158 4.34 6.37 -21.91
CA ASN A 158 2.92 6.43 -21.74
C ASN A 158 2.36 7.28 -22.88
N VAL A 159 1.41 6.75 -23.63
CA VAL A 159 0.89 7.43 -24.79
C VAL A 159 -0.62 7.42 -24.78
N PRO A 160 -1.23 8.54 -24.35
CA PRO A 160 -2.67 8.69 -24.51
C PRO A 160 -3.02 9.03 -25.95
N ILE A 161 -4.08 8.40 -26.44
CA ILE A 161 -4.43 8.44 -27.82
C ILE A 161 -5.94 8.69 -27.99
N TYR A 162 -6.28 9.70 -28.78
CA TYR A 162 -7.64 10.05 -29.11
C TYR A 162 -7.90 9.82 -30.59
N GLU A 163 -8.76 8.86 -30.86
CA GLU A 163 -9.11 8.45 -32.21
C GLU A 163 -7.91 8.43 -33.17
N GLY A 164 -6.92 7.65 -32.75
CA GLY A 164 -5.73 7.41 -33.49
C GLY A 164 -4.66 8.49 -33.38
N TYR A 165 -4.94 9.59 -32.67
CA TYR A 165 -4.00 10.70 -32.54
C TYR A 165 -3.37 10.67 -31.17
N ALA A 166 -2.05 10.47 -31.11
CA ALA A 166 -1.30 10.56 -29.87
C ALA A 166 -1.32 12.00 -29.39
N LEU A 167 -1.67 12.21 -28.14
CA LEU A 167 -1.85 13.55 -27.61
C LEU A 167 -0.48 14.06 -27.15
N PRO A 168 0.13 14.99 -27.91
CA PRO A 168 1.57 15.30 -27.76
C PRO A 168 1.99 15.90 -26.40
N HIS A 169 1.13 16.68 -25.77
CA HIS A 169 1.45 17.25 -24.45
C HIS A 169 1.38 16.26 -23.31
N ALA A 170 0.70 15.14 -23.52
CA ALA A 170 0.52 14.14 -22.47
C ALA A 170 1.40 12.88 -22.61
N ILE A 171 2.19 12.80 -23.66
CA ILE A 171 3.12 11.70 -23.82
C ILE A 171 4.26 11.84 -22.79
N MET A 172 4.57 10.74 -22.12
CA MET A 172 5.66 10.67 -21.13
C MET A 172 6.69 9.64 -21.57
N ARG A 173 7.95 10.03 -21.48
CA ARG A 173 9.06 9.15 -21.74
C ARG A 173 9.81 8.91 -20.45
N LEU A 174 10.15 7.64 -20.23
CA LEU A 174 10.87 7.20 -19.07
C LEU A 174 12.01 6.29 -19.51
N ASP A 175 13.26 6.72 -19.28
CA ASP A 175 14.43 5.91 -19.64
C ASP A 175 14.67 4.85 -18.59
N LEU A 176 13.76 3.90 -18.53
CA LEU A 176 13.85 2.77 -17.63
C LEU A 176 13.11 1.64 -18.34
N ALA A 177 13.84 0.61 -18.74
CA ALA A 177 13.23 -0.49 -19.47
C ALA A 177 14.04 -1.79 -19.29
N GLY A 178 13.90 -2.76 -20.21
CA GLY A 178 14.34 -4.10 -19.95
C GLY A 178 15.84 -4.27 -19.65
N ARG A 179 16.67 -3.57 -20.40
CA ARG A 179 18.11 -3.62 -20.24
C ARG A 179 18.54 -3.10 -18.86
N ASP A 180 17.84 -2.08 -18.36
CA ASP A 180 18.13 -1.55 -17.04
C ASP A 180 17.76 -2.60 -16.00
N LEU A 181 16.66 -3.30 -16.22
CA LEU A 181 16.25 -4.35 -15.30
C LEU A 181 17.21 -5.53 -15.32
N THR A 182 17.66 -5.91 -16.51
CA THR A 182 18.70 -6.94 -16.65
C THR A 182 19.98 -6.56 -15.89
N ASP A 183 20.42 -5.31 -16.05
CA ASP A 183 21.64 -4.84 -15.38
C ASP A 183 21.45 -4.82 -13.88
N TYR A 184 20.26 -4.44 -13.43
CA TYR A 184 19.96 -4.45 -12.02
C TYR A 184 19.95 -5.85 -11.42
N LEU A 185 19.37 -6.82 -12.13
CA LEU A 185 19.47 -8.22 -11.72
C LEU A 185 20.92 -8.71 -11.65
N MET A 186 21.77 -8.32 -12.61
CA MET A 186 23.19 -8.64 -12.55
C MET A 186 23.82 -8.11 -11.25
N LYS A 187 23.49 -6.89 -10.88
CA LYS A 187 24.02 -6.29 -9.64
C LYS A 187 23.54 -7.03 -8.38
N ILE A 188 22.25 -7.26 -8.25
CA ILE A 188 21.72 -7.87 -7.04
C ILE A 188 22.00 -9.37 -6.95
N LEU A 189 22.32 -10.02 -8.07
CA LEU A 189 22.74 -11.42 -8.04
C LEU A 189 24.06 -11.59 -7.27
N THR A 190 24.84 -10.52 -7.15
CA THR A 190 26.08 -10.57 -6.34
C THR A 190 25.80 -10.74 -4.86
N GLU A 191 24.59 -10.40 -4.39
CA GLU A 191 24.30 -10.57 -2.98
C GLU A 191 24.37 -12.03 -2.58
N ARG A 192 23.95 -12.94 -3.48
CA ARG A 192 24.11 -14.38 -3.22
C ARG A 192 25.46 -14.94 -3.71
N GLY A 193 26.40 -14.08 -4.03
CA GLY A 193 27.74 -14.53 -4.43
C GLY A 193 27.93 -14.84 -5.90
N TYR A 194 26.90 -14.66 -6.73
CA TYR A 194 26.99 -15.02 -8.13
C TYR A 194 27.63 -13.86 -8.85
N SER A 195 28.41 -14.14 -9.88
CA SER A 195 29.10 -13.07 -10.59
C SER A 195 28.86 -13.19 -12.07
N PHE A 196 28.14 -12.19 -12.57
CA PHE A 196 27.87 -12.05 -13.97
C PHE A 196 28.36 -10.67 -14.38
N VAL A 197 29.29 -10.64 -15.32
CA VAL A 197 30.02 -9.42 -15.66
C VAL A 197 30.09 -9.19 -17.19
N THR A 198 30.47 -10.25 -17.89
CA THR A 198 30.63 -10.27 -19.32
C THR A 198 29.32 -9.96 -20.07
N THR A 199 29.45 -9.41 -21.28
CA THR A 199 28.31 -9.14 -22.15
C THR A 199 27.56 -10.42 -22.50
N ALA A 200 28.30 -11.49 -22.79
CA ALA A 200 27.71 -12.83 -22.88
C ALA A 200 26.89 -13.16 -21.62
N GLU A 201 27.47 -12.88 -20.46
CA GLU A 201 26.81 -13.14 -19.18
C GLU A 201 25.58 -12.29 -18.97
N ARG A 202 25.58 -11.08 -19.52
CA ARG A 202 24.40 -10.26 -19.47
C ARG A 202 23.26 -10.96 -20.22
N GLU A 203 23.55 -11.62 -21.33
CA GLU A 203 22.50 -12.34 -22.07
C GLU A 203 21.94 -13.50 -21.24
N ILE A 204 22.78 -14.12 -20.44
CA ILE A 204 22.34 -15.17 -19.54
C ILE A 204 21.43 -14.58 -18.47
N VAL A 205 21.86 -13.49 -17.86
CA VAL A 205 21.03 -12.85 -16.86
C VAL A 205 19.71 -12.36 -17.45
N ARG A 206 19.71 -11.87 -18.69
CA ARG A 206 18.46 -11.49 -19.35
C ARG A 206 17.46 -12.65 -19.36
N ASP A 207 17.95 -13.83 -19.70
CA ASP A 207 17.06 -14.99 -19.78
C ASP A 207 16.56 -15.43 -18.39
N ILE A 208 17.41 -15.33 -17.37
CA ILE A 208 17.02 -15.60 -15.98
C ILE A 208 15.91 -14.66 -15.57
N LYS A 209 16.08 -13.39 -15.90
CA LYS A 209 15.08 -12.38 -15.63
C LYS A 209 13.75 -12.80 -16.23
N GLU A 210 13.77 -13.12 -17.51
CA GLU A 210 12.58 -13.51 -18.22
C GLU A 210 11.90 -14.78 -17.65
N LYS A 211 12.69 -15.73 -17.16
CA LYS A 211 12.12 -16.97 -16.69
C LYS A 211 11.61 -16.90 -15.24
N LEU A 212 12.33 -16.19 -14.38
CA LEU A 212 12.08 -16.27 -12.94
C LEU A 212 11.45 -15.02 -12.32
N CYS A 213 11.49 -13.89 -13.01
CA CYS A 213 11.07 -12.65 -12.33
C CYS A 213 9.56 -12.49 -12.36
N TYR A 214 9.04 -11.75 -11.39
CA TYR A 214 7.61 -11.42 -11.35
C TYR A 214 7.39 -10.16 -10.53
N VAL A 215 6.22 -9.55 -10.75
CA VAL A 215 5.81 -8.36 -10.03
C VAL A 215 4.95 -8.74 -8.83
N ALA A 216 5.39 -8.31 -7.65
CA ALA A 216 4.67 -8.59 -6.40
C ALA A 216 3.42 -7.74 -6.37
N LEU A 217 2.32 -8.32 -5.90
CA LEU A 217 1.07 -7.57 -5.75
C LEU A 217 1.24 -6.52 -4.66
N ASP A 218 1.89 -6.89 -3.55
CA ASP A 218 2.35 -5.92 -2.57
C ASP A 218 3.79 -6.17 -2.19
N PHE A 219 4.66 -5.19 -2.43
CA PHE A 219 6.10 -5.39 -2.34
C PHE A 219 6.55 -5.68 -0.90
N GLU A 220 6.11 -4.85 0.05
CA GLU A 220 6.51 -4.98 1.46
C GLU A 220 6.06 -6.31 2.00
N ASN A 221 4.84 -6.70 1.69
CA ASN A 221 4.34 -8.00 2.16
C ASN A 221 5.12 -9.17 1.52
N GLU A 222 5.52 -9.02 0.26
CA GLU A 222 6.28 -10.08 -0.43
C GLU A 222 7.70 -10.18 0.14
N MET A 223 8.31 -9.03 0.44
CA MET A 223 9.61 -9.03 1.09
C MET A 223 9.55 -9.83 2.39
N ALA A 224 8.50 -9.61 3.17
CA ALA A 224 8.33 -10.33 4.44
C ALA A 224 8.20 -11.83 4.19
N THR A 225 7.38 -12.23 3.22
CA THR A 225 7.26 -13.65 2.90
C THR A 225 8.61 -14.24 2.53
N ALA A 226 9.38 -13.50 1.76
CA ALA A 226 10.68 -14.00 1.30
C ALA A 226 11.70 -14.12 2.44
N ALA A 227 11.60 -13.25 3.45
CA ALA A 227 12.52 -13.31 4.58
C ALA A 227 12.15 -14.45 5.54
N SER A 228 10.88 -14.86 5.56
CA SER A 228 10.40 -15.79 6.58
C SER A 228 10.52 -17.25 6.17
N SER A 229 10.77 -17.52 4.90
CA SER A 229 11.03 -18.89 4.46
C SER A 229 11.62 -18.87 3.05
N SER A 230 11.84 -20.06 2.50
CA SER A 230 12.36 -20.22 1.15
C SER A 230 11.26 -20.55 0.11
N SER A 231 10.00 -20.33 0.47
CA SER A 231 8.89 -20.71 -0.42
C SER A 231 8.87 -19.99 -1.78
N LEU A 232 9.50 -18.82 -1.85
CA LEU A 232 9.52 -18.06 -3.12
C LEU A 232 10.75 -18.35 -4.00
N GLU A 233 11.63 -19.24 -3.57
CA GLU A 233 12.86 -19.48 -4.32
C GLU A 233 12.65 -20.31 -5.57
N LYS A 234 13.35 -19.93 -6.63
CA LYS A 234 13.40 -20.73 -7.83
CA LYS A 234 13.39 -20.70 -7.87
C LYS A 234 14.83 -20.75 -8.36
N SER A 235 15.11 -21.77 -9.18
CA SER A 235 16.45 -22.05 -9.67
C SER A 235 16.53 -22.08 -11.20
N TYR A 236 17.69 -21.73 -11.73
CA TYR A 236 17.95 -21.74 -13.17
C TYR A 236 19.33 -22.32 -13.36
N GLU A 237 19.45 -23.37 -14.16
CA GLU A 237 20.73 -24.04 -14.27
C GLU A 237 21.43 -23.63 -15.55
N LEU A 238 22.69 -23.24 -15.44
CA LEU A 238 23.55 -22.95 -16.60
C LEU A 238 24.07 -24.24 -17.21
N PRO A 239 24.53 -24.17 -18.48
CA PRO A 239 25.05 -25.39 -19.15
C PRO A 239 26.23 -26.05 -18.44
N ASP A 240 27.04 -25.27 -17.73
CA ASP A 240 28.14 -25.84 -16.94
C ASP A 240 27.72 -26.49 -15.60
N GLY A 241 26.43 -26.54 -15.31
CA GLY A 241 25.96 -27.10 -14.06
C GLY A 241 25.85 -26.16 -12.86
N GLN A 242 26.14 -24.89 -13.03
CA GLN A 242 25.92 -23.93 -11.95
C GLN A 242 24.43 -23.68 -11.80
N VAL A 243 23.92 -23.87 -10.60
CA VAL A 243 22.53 -23.61 -10.29
C VAL A 243 22.37 -22.23 -9.64
N ILE A 244 21.64 -21.35 -10.32
CA ILE A 244 21.36 -20.00 -9.79
C ILE A 244 20.02 -20.02 -9.09
N THR A 245 20.04 -19.76 -7.78
CA THR A 245 18.83 -19.77 -6.98
C THR A 245 18.60 -18.38 -6.43
N ILE A 246 17.40 -17.84 -6.66
CA ILE A 246 17.04 -16.52 -6.13
C ILE A 246 15.67 -16.56 -5.47
N GLY A 247 15.46 -15.64 -4.53
CA GLY A 247 14.20 -15.49 -3.80
C GLY A 247 13.61 -14.12 -4.05
N ASN A 248 13.91 -13.15 -3.17
CA ASN A 248 13.33 -11.82 -3.32
C ASN A 248 13.86 -11.06 -4.53
N GLU A 249 15.01 -11.46 -5.04
CA GLU A 249 15.51 -10.88 -6.29
C GLU A 249 14.53 -11.08 -7.45
N ARG A 250 13.73 -12.14 -7.38
CA ARG A 250 12.76 -12.43 -8.41
C ARG A 250 11.80 -11.25 -8.60
N PHE A 251 11.40 -10.61 -7.50
CA PHE A 251 10.44 -9.52 -7.61
C PHE A 251 11.04 -8.14 -7.36
N ARG A 252 12.17 -8.08 -6.66
CA ARG A 252 12.91 -6.80 -6.57
C ARG A 252 13.35 -6.25 -7.92
N CYS A 253 13.68 -7.14 -8.85
CA CYS A 253 14.16 -6.71 -10.14
C CYS A 253 13.10 -5.84 -10.86
N PRO A 254 11.94 -6.41 -11.15
CA PRO A 254 10.92 -5.56 -11.80
C PRO A 254 10.23 -4.54 -10.89
N GLU A 255 10.33 -4.66 -9.58
CA GLU A 255 9.85 -3.59 -8.68
C GLU A 255 10.41 -2.23 -9.08
N THR A 256 11.63 -2.23 -9.64
CA THR A 256 12.29 -1.02 -10.13
C THR A 256 11.34 -0.16 -11.01
N LEU A 257 10.45 -0.83 -11.77
CA LEU A 257 9.51 -0.12 -12.64
C LEU A 257 8.59 0.76 -11.85
N PHE A 258 8.21 0.29 -10.66
CA PHE A 258 7.36 1.04 -9.74
C PHE A 258 8.18 1.92 -8.79
N GLN A 259 9.42 1.53 -8.50
CA GLN A 259 10.33 2.34 -7.67
C GLN A 259 11.66 2.52 -8.32
N PRO A 260 11.77 3.52 -9.21
CA PRO A 260 13.03 3.75 -9.91
C PRO A 260 14.21 4.13 -9.02
N SER A 261 13.96 4.51 -7.77
CA SER A 261 15.07 4.81 -6.85
C SER A 261 15.98 3.58 -6.69
N PHE A 262 15.45 2.38 -6.91
CA PHE A 262 16.28 1.14 -6.89
C PHE A 262 17.52 1.20 -7.76
N ILE A 263 17.47 1.94 -8.86
CA ILE A 263 18.63 2.13 -9.74
C ILE A 263 19.11 3.58 -9.80
N GLY A 264 18.83 4.35 -8.75
CA GLY A 264 19.32 5.71 -8.65
C GLY A 264 18.65 6.74 -9.55
N MET A 265 17.41 6.46 -9.95
CA MET A 265 16.65 7.41 -10.76
C MET A 265 15.69 8.13 -9.82
N GLU A 266 15.45 9.41 -10.12
CA GLU A 266 14.54 10.26 -9.33
C GLU A 266 13.09 10.13 -9.82
N SER A 267 12.93 9.73 -11.07
CA SER A 267 11.60 9.60 -11.66
C SER A 267 10.50 8.90 -10.83
N ALA A 268 9.26 9.25 -11.11
CA ALA A 268 8.13 8.46 -10.65
C ALA A 268 8.10 7.12 -11.40
N GLY A 269 7.52 6.12 -10.77
CA GLY A 269 7.35 4.80 -11.37
C GLY A 269 6.25 4.79 -12.41
N ILE A 270 6.06 3.64 -13.05
CA ILE A 270 5.17 3.54 -14.22
C ILE A 270 3.70 3.73 -13.93
N HIS A 271 3.26 3.32 -12.77
CA HIS A 271 1.91 3.64 -12.30
C HIS A 271 1.67 5.17 -12.24
N GLU A 272 2.65 5.92 -11.73
CA GLU A 272 2.54 7.35 -11.56
C GLU A 272 2.71 8.07 -12.87
N THR A 273 3.62 7.61 -13.73
CA THR A 273 3.73 8.23 -15.03
C THR A 273 2.42 7.99 -15.79
N THR A 274 1.77 6.85 -15.61
CA THR A 274 0.47 6.59 -16.27
C THR A 274 -0.58 7.62 -15.81
N TYR A 275 -0.64 7.83 -14.49
CA TYR A 275 -1.56 8.75 -13.89
C TYR A 275 -1.26 10.17 -14.34
N ASN A 276 0.00 10.57 -14.29
CA ASN A 276 0.42 11.91 -14.70
C ASN A 276 0.09 12.21 -16.16
N SER A 277 0.30 11.22 -17.02
CA SER A 277 -0.04 11.31 -18.42
C SER A 277 -1.56 11.51 -18.62
N ILE A 278 -2.37 10.69 -17.96
CA ILE A 278 -3.82 10.87 -17.97
C ILE A 278 -4.22 12.29 -17.47
N MET A 279 -3.50 12.80 -16.48
CA MET A 279 -3.85 14.11 -15.91
C MET A 279 -3.41 15.26 -16.80
N LYS A 280 -2.54 15.01 -17.78
CA LYS A 280 -2.24 16.02 -18.79
C LYS A 280 -3.19 16.02 -19.98
N CYS A 281 -4.20 15.17 -19.92
CA CYS A 281 -5.25 15.11 -20.91
C CYS A 281 -6.50 15.81 -20.41
N ASP A 282 -7.34 16.25 -21.35
CA ASP A 282 -8.59 16.90 -21.03
C ASP A 282 -9.43 16.00 -20.14
N ILE A 283 -9.99 16.57 -19.08
CA ILE A 283 -10.82 15.81 -18.16
C ILE A 283 -11.88 14.97 -18.85
N ASP A 284 -12.39 15.43 -20.00
CA ASP A 284 -13.49 14.75 -20.68
C ASP A 284 -13.08 13.44 -21.38
N ILE A 285 -11.78 13.18 -21.48
CA ILE A 285 -11.29 11.93 -22.05
C ILE A 285 -10.77 10.93 -20.99
N ARG A 286 -10.51 11.40 -19.77
CA ARG A 286 -9.79 10.59 -18.75
C ARG A 286 -10.49 9.28 -18.45
N LYS A 287 -11.82 9.31 -18.47
CA LYS A 287 -12.61 8.12 -18.21
C LYS A 287 -12.31 7.00 -19.16
N ASP A 288 -12.26 7.33 -20.44
CA ASP A 288 -12.03 6.33 -21.46
C ASP A 288 -10.58 5.89 -21.39
N LEU A 289 -9.66 6.78 -21.00
CA LEU A 289 -8.26 6.35 -20.82
C LEU A 289 -8.13 5.34 -19.67
N TYR A 290 -8.66 5.72 -18.50
CA TYR A 290 -8.67 4.81 -17.34
C TYR A 290 -9.25 3.43 -17.64
N ALA A 291 -10.30 3.39 -18.45
CA ALA A 291 -10.94 2.15 -18.81
C ALA A 291 -10.26 1.40 -19.95
N ASN A 292 -9.23 1.99 -20.59
CA ASN A 292 -8.58 1.35 -21.74
C ASN A 292 -7.06 1.56 -21.65
N ASN A 293 -6.47 1.04 -20.58
N ASN A 293 -6.46 1.05 -20.56
CA ASN A 293 -5.04 1.08 -20.39
CA ASN A 293 -5.01 1.06 -20.33
C ASN A 293 -4.41 -0.16 -20.99
C ASN A 293 -4.42 -0.16 -20.99
N VAL A 294 -3.77 -0.02 -22.14
CA VAL A 294 -3.19 -1.15 -22.85
C VAL A 294 -1.71 -1.28 -22.58
N MET A 295 -1.29 -2.48 -22.20
CA MET A 295 0.12 -2.77 -21.95
C MET A 295 0.79 -3.44 -23.16
N SER A 296 1.94 -2.89 -23.55
CA SER A 296 2.63 -3.28 -24.76
C SER A 296 4.13 -3.38 -24.49
N GLY A 297 4.77 -4.39 -25.10
CA GLY A 297 6.21 -4.52 -25.09
C GLY A 297 6.68 -5.57 -24.10
N GLY A 298 7.90 -6.05 -24.33
CA GLY A 298 8.46 -7.17 -23.61
C GLY A 298 8.57 -6.95 -22.13
N THR A 299 8.83 -5.71 -21.71
CA THR A 299 9.02 -5.45 -20.28
C THR A 299 7.70 -5.43 -19.49
N THR A 300 6.57 -5.47 -20.21
CA THR A 300 5.27 -5.63 -19.54
C THR A 300 4.88 -7.09 -19.40
N MET A 301 5.75 -8.04 -19.72
CA MET A 301 5.41 -9.47 -19.63
C MET A 301 5.49 -10.12 -18.24
N TYR A 302 6.06 -9.41 -17.25
CA TYR A 302 6.22 -9.98 -15.89
C TYR A 302 4.86 -10.47 -15.38
N PRO A 303 4.78 -11.75 -14.98
CA PRO A 303 3.58 -12.16 -14.24
C PRO A 303 3.26 -11.21 -13.09
N GLY A 304 1.97 -10.95 -12.91
CA GLY A 304 1.49 -10.10 -11.83
C GLY A 304 1.45 -8.61 -12.14
N ILE A 305 2.00 -8.18 -13.30
CA ILE A 305 2.17 -6.75 -13.55
C ILE A 305 0.83 -6.08 -13.77
N ALA A 306 -0.10 -6.77 -14.45
CA ALA A 306 -1.43 -6.25 -14.70
C ALA A 306 -2.20 -6.01 -13.40
N ASP A 307 -2.20 -6.98 -12.51
CA ASP A 307 -2.86 -6.85 -11.22
C ASP A 307 -2.23 -5.80 -10.33
N ARG A 308 -0.91 -5.68 -10.34
CA ARG A 308 -0.22 -4.60 -9.62
C ARG A 308 -0.60 -3.22 -10.19
N MET A 309 -0.60 -3.09 -11.51
CA MET A 309 -0.93 -1.80 -12.13
C MET A 309 -2.38 -1.42 -11.82
N GLN A 310 -3.26 -2.39 -11.84
CA GLN A 310 -4.65 -2.17 -11.49
C GLN A 310 -4.76 -1.60 -10.06
N LYS A 311 -4.07 -2.25 -9.14
CA LYS A 311 -4.02 -1.79 -7.76
C LYS A 311 -3.43 -0.38 -7.61
N GLU A 312 -2.33 -0.11 -8.29
CA GLU A 312 -1.65 1.19 -8.13
C GLU A 312 -2.43 2.34 -8.75
N ILE A 313 -2.97 2.10 -9.93
CA ILE A 313 -3.76 3.13 -10.60
CA ILE A 313 -3.76 3.13 -10.60
C ILE A 313 -5.05 3.41 -9.80
N THR A 314 -5.66 2.37 -9.28
CA THR A 314 -6.81 2.51 -8.39
C THR A 314 -6.50 3.44 -7.21
N ALA A 315 -5.32 3.27 -6.61
CA ALA A 315 -4.90 4.09 -5.47
C ALA A 315 -4.65 5.54 -5.83
N LEU A 316 -4.28 5.79 -7.09
CA LEU A 316 -4.11 7.14 -7.62
C LEU A 316 -5.38 7.82 -8.18
N ALA A 317 -6.33 7.04 -8.68
CA ALA A 317 -7.46 7.60 -9.40
C ALA A 317 -8.60 8.01 -8.47
N PRO A 318 -9.53 8.87 -8.97
CA PRO A 318 -10.77 9.12 -8.20
C PRO A 318 -11.46 7.82 -7.79
N SER A 319 -12.02 7.82 -6.59
CA SER A 319 -12.48 6.60 -5.96
C SER A 319 -13.54 5.83 -6.76
N THR A 320 -14.34 6.52 -7.57
CA THR A 320 -15.40 5.84 -8.33
C THR A 320 -14.96 5.45 -9.76
N MET A 321 -13.72 5.80 -10.13
CA MET A 321 -13.25 5.58 -11.50
C MET A 321 -13.15 4.11 -11.85
N LYS A 322 -13.72 3.74 -13.00
CA LYS A 322 -13.59 2.38 -13.50
C LYS A 322 -12.21 2.26 -14.16
N ILE A 323 -11.43 1.31 -13.67
CA ILE A 323 -10.06 1.14 -14.12
C ILE A 323 -9.93 -0.23 -14.79
N LYS A 324 -9.29 -0.28 -15.95
CA LYS A 324 -9.08 -1.54 -16.63
C LYS A 324 -7.73 -1.59 -17.34
N ILE A 325 -6.98 -2.66 -17.07
CA ILE A 325 -5.69 -2.86 -17.65
C ILE A 325 -5.86 -3.99 -18.66
N ILE A 326 -5.46 -3.76 -19.90
CA ILE A 326 -5.51 -4.79 -20.94
C ILE A 326 -4.09 -5.19 -21.24
N ALA A 327 -3.80 -6.45 -21.03
CA ALA A 327 -2.46 -6.98 -21.16
C ALA A 327 -2.54 -8.24 -22.00
N PRO A 328 -2.52 -8.10 -23.34
CA PRO A 328 -2.70 -9.28 -24.18
C PRO A 328 -1.53 -10.26 -24.12
N PRO A 329 -1.80 -11.55 -24.32
CA PRO A 329 -0.72 -12.53 -24.23
C PRO A 329 0.37 -12.35 -25.29
N GLU A 330 -0.01 -11.72 -26.39
CA GLU A 330 0.88 -11.51 -27.53
C GLU A 330 1.71 -10.20 -27.43
N ARG A 331 1.71 -9.56 -26.26
CA ARG A 331 2.17 -8.18 -26.16
C ARG A 331 3.65 -7.91 -26.36
N LYS A 332 4.49 -8.94 -26.38
CA LYS A 332 5.86 -8.79 -26.88
C LYS A 332 5.88 -8.38 -28.36
N TYR A 333 4.81 -8.65 -29.11
CA TYR A 333 4.74 -8.33 -30.53
C TYR A 333 3.54 -7.48 -30.91
N SER A 334 2.93 -6.79 -29.95
CA SER A 334 1.72 -5.99 -30.23
C SER A 334 1.92 -4.85 -31.22
N VAL A 335 3.04 -4.17 -31.10
CA VAL A 335 3.38 -3.14 -32.06
C VAL A 335 3.38 -3.75 -33.43
N TRP A 336 4.10 -4.83 -33.57
CA TRP A 336 4.23 -5.47 -34.88
C TRP A 336 2.83 -5.91 -35.39
N ILE A 337 2.06 -6.55 -34.53
CA ILE A 337 0.75 -7.09 -34.94
C ILE A 337 -0.21 -5.96 -35.38
N GLY A 338 -0.19 -4.85 -34.67
CA GLY A 338 -0.94 -3.67 -35.09
C GLY A 338 -0.57 -3.16 -36.47
N GLY A 339 0.72 -3.21 -36.79
CA GLY A 339 1.20 -2.82 -38.12
C GLY A 339 0.71 -3.76 -39.19
N SER A 340 0.74 -5.06 -38.88
CA SER A 340 0.26 -6.11 -39.77
C SER A 340 -1.23 -5.96 -40.08
N ILE A 341 -2.01 -5.69 -39.03
CA ILE A 341 -3.41 -5.38 -39.19
C ILE A 341 -3.60 -4.13 -40.07
N LEU A 342 -2.95 -3.04 -39.68
CA LEU A 342 -3.14 -1.77 -40.38
C LEU A 342 -2.79 -1.85 -41.86
N ALA A 343 -1.64 -2.47 -42.15
CA ALA A 343 -1.11 -2.52 -43.49
C ALA A 343 -1.95 -3.39 -44.42
N SER A 344 -2.78 -4.28 -43.88
CA SER A 344 -3.60 -5.15 -44.73
C SER A 344 -5.09 -4.77 -44.77
N LEU A 345 -5.47 -3.66 -44.14
CA LEU A 345 -6.85 -3.15 -44.25
C LEU A 345 -7.00 -2.51 -45.63
N SER A 346 -8.11 -2.76 -46.31
CA SER A 346 -8.35 -2.10 -47.60
C SER A 346 -8.48 -0.59 -47.40
N THR A 347 -9.07 -0.19 -46.28
CA THR A 347 -9.24 1.23 -45.96
C THR A 347 -7.94 1.98 -45.67
N PHE A 348 -6.82 1.28 -45.53
CA PHE A 348 -5.52 1.91 -45.29
C PHE A 348 -4.77 2.14 -46.61
N GLN A 349 -5.21 1.49 -47.68
CA GLN A 349 -4.37 1.38 -48.87
C GLN A 349 -4.06 2.71 -49.56
N GLN A 350 -4.97 3.67 -49.43
CA GLN A 350 -4.73 4.99 -49.97
C GLN A 350 -3.79 5.84 -49.11
N MET A 351 -3.35 5.35 -47.94
CA MET A 351 -2.47 6.14 -47.09
C MET A 351 -0.97 5.86 -47.21
N TRP A 352 -0.59 4.88 -48.04
CA TRP A 352 0.83 4.67 -48.30
C TRP A 352 1.38 5.94 -48.95
N ILE A 353 2.61 6.32 -48.58
CA ILE A 353 3.41 7.23 -49.37
C ILE A 353 3.95 6.42 -50.55
N THR A 354 3.69 6.87 -51.78
CA THR A 354 4.08 6.13 -52.97
C THR A 354 5.42 6.65 -53.45
N LYS A 355 6.13 5.83 -54.21
CA LYS A 355 7.39 6.26 -54.79
C LYS A 355 7.19 7.46 -55.74
N GLN A 356 6.05 7.53 -56.41
CA GLN A 356 5.74 8.69 -57.29
C GLN A 356 5.70 10.00 -56.51
N GLU A 357 5.06 9.98 -55.35
CA GLU A 357 5.04 11.14 -54.45
C GLU A 357 6.43 11.50 -53.94
N TYR A 358 7.17 10.51 -53.45
CA TYR A 358 8.53 10.74 -53.04
C TYR A 358 9.39 11.29 -54.19
N ASP A 359 9.26 10.69 -55.37
CA ASP A 359 10.02 11.10 -56.56
C ASP A 359 9.80 12.59 -56.91
N GLU A 360 8.57 13.06 -56.73
CA GLU A 360 8.21 14.46 -57.01
C GLU A 360 8.45 15.44 -55.87
N ALA A 361 8.12 15.04 -54.64
CA ALA A 361 8.14 15.95 -53.49
C ALA A 361 9.34 15.75 -52.57
N GLY A 362 9.90 14.55 -52.54
CA GLY A 362 11.02 14.26 -51.63
C GLY A 362 10.60 13.89 -50.21
N PRO A 363 11.58 13.78 -49.29
CA PRO A 363 11.38 13.24 -47.96
C PRO A 363 10.32 13.91 -47.13
N SER A 364 10.17 15.23 -47.28
CA SER A 364 9.34 16.00 -46.38
C SER A 364 7.86 15.65 -46.56
N ILE A 365 7.53 15.01 -47.67
CA ILE A 365 6.20 14.43 -47.90
C ILE A 365 5.73 13.58 -46.73
N VAL A 366 6.63 12.92 -46.01
CA VAL A 366 6.24 12.01 -44.93
C VAL A 366 5.33 12.69 -43.89
N HIS A 367 5.52 13.98 -43.62
CA HIS A 367 4.70 14.71 -42.62
C HIS A 367 3.28 15.05 -43.10
N ARG A 368 3.04 14.86 -44.38
CA ARG A 368 1.73 14.89 -44.95
C ARG A 368 0.94 13.81 -44.22
N SER B 1 -16.43 9.88 -43.17
CA SER B 1 -15.11 10.38 -43.67
C SER B 1 -14.10 9.27 -43.83
N LEU B 2 -12.99 9.61 -44.46
CA LEU B 2 -11.81 8.74 -44.59
C LEU B 2 -11.50 7.96 -43.31
N HIS B 3 -11.49 8.70 -42.20
CA HIS B 3 -10.93 8.24 -40.96
C HIS B 3 -11.92 7.37 -40.25
N SER B 4 -13.19 7.73 -40.34
CA SER B 4 -14.25 6.94 -39.73
C SER B 4 -14.29 5.53 -40.32
N ALA B 5 -14.04 5.43 -41.62
CA ALA B 5 -13.99 4.12 -42.26
C ALA B 5 -12.79 3.30 -41.76
N LEU B 6 -11.63 3.95 -41.63
CA LEU B 6 -10.45 3.26 -41.11
C LEU B 6 -10.65 2.88 -39.65
N NLE B 7 -11.12 3.84 -38.84
CA NLE B 7 -11.43 3.62 -37.42
C NLE B 7 -12.37 2.47 -37.25
O NLE B 7 -12.18 1.61 -36.35
CB NLE B 7 -12.11 4.82 -36.80
CG NLE B 7 -11.24 5.57 -35.78
CD NLE B 7 -10.16 6.41 -36.42
CE NLE B 7 -8.86 5.64 -36.61
N GLU B 8 -13.42 2.43 -38.06
CA GLU B 8 -14.42 1.38 -37.93
C GLU B 8 -13.79 0.03 -38.30
N ALA B 9 -12.95 0.02 -39.32
CA ALA B 9 -12.30 -1.20 -39.72
C ALA B 9 -11.36 -1.70 -38.61
N ILE B 10 -10.75 -0.78 -37.89
CA ILE B 10 -9.87 -1.18 -36.80
C ILE B 10 -10.68 -1.82 -35.70
N HIS B 11 -11.83 -1.23 -35.38
CA HIS B 11 -12.69 -1.75 -34.32
C HIS B 11 -13.25 -3.11 -34.65
N SER B 12 -13.44 -3.41 -35.92
CA SER B 12 -14.05 -4.67 -36.31
C SER B 12 -13.06 -5.62 -37.01
N SER B 13 -11.76 -5.40 -36.82
CA SER B 13 -10.70 -6.22 -37.41
C SER B 13 -10.56 -7.59 -36.77
N GLY B 14 -11.03 -7.74 -35.53
CA GLY B 14 -10.92 -9.03 -34.82
C GLY B 14 -9.51 -9.41 -34.40
N GLY B 15 -8.55 -8.50 -34.51
CA GLY B 15 -7.25 -8.71 -33.93
C GLY B 15 -6.50 -9.85 -34.60
N ARG B 16 -5.50 -10.37 -33.91
CA ARG B 16 -4.62 -11.35 -34.50
C ARG B 16 -5.31 -12.64 -34.98
N GLU B 17 -6.45 -12.99 -34.39
CA GLU B 17 -7.17 -14.22 -34.79
C GLU B 17 -7.59 -14.19 -36.26
N LYS B 18 -7.76 -13.01 -36.81
CA LYS B 18 -8.15 -12.88 -38.20
C LYS B 18 -6.95 -12.78 -39.13
N LEU B 19 -5.74 -12.77 -38.59
CA LEU B 19 -4.52 -12.78 -39.39
C LEU B 19 -4.08 -14.21 -39.67
N ARG B 20 -3.13 -14.36 -40.59
CA ARG B 20 -2.57 -15.66 -40.98
C ARG B 20 -1.67 -16.22 -39.92
N LYS B 21 -1.95 -17.45 -39.51
CA LYS B 21 -1.10 -18.18 -38.60
C LYS B 21 0.24 -18.43 -39.26
N VAL B 22 1.31 -18.18 -38.54
CA VAL B 22 2.63 -18.48 -39.02
C VAL B 22 2.97 -19.83 -38.42
N THR C 1 -13.81 -3.87 -0.20
CA THR C 1 -13.25 -2.71 0.57
C THR C 1 -13.64 -2.82 2.05
N THR C 2 -12.69 -3.22 2.89
CA THR C 2 -12.98 -3.42 4.30
C THR C 2 -12.21 -2.39 5.09
N ALA C 3 -12.88 -1.73 6.01
CA ALA C 3 -12.20 -0.74 6.85
C ALA C 3 -11.39 -1.42 7.95
N LEU C 4 -10.37 -0.70 8.41
CA LEU C 4 -9.52 -1.11 9.51
C LEU C 4 -9.76 -0.16 10.70
N VAL C 5 -9.55 -0.69 11.90
CA VAL C 5 -9.62 0.06 13.13
C VAL C 5 -8.33 -0.13 13.90
N CYS C 6 -7.64 0.96 14.17
CA CYS C 6 -6.40 0.92 14.92
C CYS C 6 -6.56 1.82 16.15
N ASP C 7 -6.51 1.19 17.33
CA ASP C 7 -6.63 1.88 18.60
C ASP C 7 -5.25 1.87 19.27
N ASN C 8 -4.56 3.01 19.17
CA ASN C 8 -3.18 3.13 19.67
C ASN C 8 -3.15 3.63 21.12
N GLY C 9 -2.63 2.80 22.02
CA GLY C 9 -2.56 3.17 23.42
C GLY C 9 -1.14 3.35 23.87
N SER C 10 -0.96 3.87 25.08
CA SER C 10 0.39 4.05 25.65
C SER C 10 1.17 2.74 25.77
N GLY C 11 0.47 1.67 26.12
CA GLY C 11 1.09 0.36 26.33
C GLY C 11 0.82 -0.64 25.22
N LEU C 12 -0.37 -0.60 24.62
CA LEU C 12 -0.77 -1.64 23.65
C LEU C 12 -1.46 -1.07 22.43
N VAL C 13 -1.14 -1.63 21.27
CA VAL C 13 -1.85 -1.36 20.04
C VAL C 13 -2.92 -2.43 19.98
N LYS C 14 -4.16 -2.05 19.72
CA LYS C 14 -5.22 -2.98 19.33
C LYS C 14 -5.63 -2.63 17.93
N ALA C 15 -5.62 -3.63 17.04
CA ALA C 15 -5.94 -3.39 15.67
C ALA C 15 -6.66 -4.57 15.05
N GLY C 16 -7.38 -4.28 13.97
CA GLY C 16 -8.19 -5.28 13.31
C GLY C 16 -9.06 -4.71 12.22
N PHE C 17 -10.09 -5.48 11.86
CA PHE C 17 -10.97 -5.19 10.75
C PHE C 17 -12.31 -4.74 11.28
N ALA C 18 -12.81 -3.62 10.76
CA ALA C 18 -14.14 -3.16 11.10
C ALA C 18 -15.14 -4.25 10.80
N GLY C 19 -16.12 -4.41 11.68
CA GLY C 19 -17.09 -5.47 11.60
C GLY C 19 -16.73 -6.67 12.46
N ASP C 20 -15.47 -6.88 12.82
CA ASP C 20 -15.08 -7.99 13.71
C ASP C 20 -15.46 -7.65 15.16
N ASP C 21 -15.66 -8.67 16.00
CA ASP C 21 -16.06 -8.41 17.38
C ASP C 21 -14.91 -8.12 18.34
N ALA C 22 -13.69 -8.19 17.85
CA ALA C 22 -12.51 -8.03 18.69
C ALA C 22 -11.32 -7.79 17.81
N PRO C 23 -10.28 -7.13 18.34
CA PRO C 23 -9.08 -6.86 17.53
C PRO C 23 -8.26 -8.15 17.34
N ARG C 24 -7.86 -8.41 16.11
CA ARG C 24 -7.06 -9.59 15.82
C ARG C 24 -5.59 -9.38 16.23
N ALA C 25 -5.16 -8.12 16.31
CA ALA C 25 -3.77 -7.83 16.64
C ALA C 25 -3.68 -6.98 17.90
N VAL C 26 -2.97 -7.48 18.89
CA VAL C 26 -2.77 -6.76 20.13
C VAL C 26 -1.31 -6.96 20.45
N PHE C 27 -0.52 -5.88 20.49
CA PHE C 27 0.90 -6.04 20.76
C PHE C 27 1.46 -4.78 21.44
N PRO C 28 2.60 -4.89 22.13
CA PRO C 28 3.14 -3.71 22.85
C PRO C 28 3.52 -2.57 21.92
N SER C 29 3.16 -1.36 22.32
CA SER C 29 3.45 -0.14 21.59
C SER C 29 4.86 0.33 21.95
N ILE C 30 5.84 -0.43 21.46
CA ILE C 30 7.22 -0.27 21.86
C ILE C 30 8.07 -0.35 20.60
N VAL C 31 9.09 0.50 20.51
CA VAL C 31 10.04 0.44 19.41
C VAL C 31 11.41 0.31 20.06
N GLY C 32 12.12 -0.74 19.65
CA GLY C 32 13.42 -1.06 20.22
CA GLY C 32 13.42 -1.06 20.22
C GLY C 32 14.56 -0.61 19.34
N SER C 48 15.85 -1.13 13.82
CA SER C 48 14.72 -0.99 14.75
C SER C 48 13.86 -2.25 14.85
N TYR C 49 13.20 -2.44 16.00
CA TYR C 49 12.27 -3.55 16.19
C TYR C 49 11.02 -3.04 16.86
N VAL C 50 9.89 -3.68 16.55
CA VAL C 50 8.57 -3.25 17.05
C VAL C 50 7.83 -4.37 17.76
N GLY C 51 7.27 -4.06 18.92
CA GLY C 51 6.31 -4.93 19.56
C GLY C 51 7.00 -6.10 20.24
N ASP C 52 6.48 -7.29 19.99
CA ASP C 52 6.98 -8.50 20.66
C ASP C 52 8.45 -8.75 20.33
N GLU C 53 8.80 -8.55 19.05
CA GLU C 53 10.19 -8.63 18.60
C GLU C 53 11.11 -7.84 19.55
N ALA C 54 10.72 -6.62 19.89
CA ALA C 54 11.60 -5.71 20.62
C ALA C 54 11.88 -6.14 22.07
N GLN C 55 10.88 -6.72 22.72
CA GLN C 55 11.02 -7.15 24.11
C GLN C 55 11.95 -8.36 24.25
N SER C 56 11.73 -9.34 23.40
CA SER C 56 12.58 -10.52 23.39
C SER C 56 14.05 -10.10 23.22
N LYS C 57 14.30 -9.18 22.29
CA LYS C 57 15.65 -8.69 22.05
C LYS C 57 15.96 -7.41 22.82
N ARG C 58 15.60 -7.39 24.11
CA ARG C 58 15.79 -6.21 24.93
C ARG C 58 17.25 -5.79 25.09
N GLY C 59 18.12 -6.74 25.46
CA GLY C 59 19.54 -6.46 25.61
C GLY C 59 20.03 -5.34 24.71
N ILE C 60 19.97 -5.57 23.39
CA ILE C 60 20.80 -4.83 22.42
C ILE C 60 20.38 -3.38 22.12
N LEU C 61 19.10 -3.14 21.77
CA LEU C 61 18.64 -1.77 21.53
C LEU C 61 17.89 -1.23 22.75
N THR C 62 17.69 0.08 22.74
CA THR C 62 16.92 0.79 23.75
C THR C 62 15.44 0.69 23.40
N LEU C 63 14.59 0.52 24.40
CA LEU C 63 13.14 0.49 24.19
C LEU C 63 12.51 1.87 24.46
N LYS C 64 11.68 2.31 23.53
CA LYS C 64 10.95 3.56 23.65
C LYS C 64 9.45 3.38 23.40
N TYR C 65 8.65 4.15 24.14
CA TYR C 65 7.22 4.19 24.00
C TYR C 65 6.85 5.46 23.24
N PRO C 66 6.40 5.35 21.98
CA PRO C 66 6.05 6.56 21.22
C PRO C 66 4.77 7.27 21.65
N ILE C 67 3.94 6.63 22.46
CA ILE C 67 2.76 7.24 23.04
C ILE C 67 2.95 7.31 24.55
N GLU C 68 2.87 8.52 25.10
CA GLU C 68 3.05 8.76 26.53
C GLU C 68 1.80 9.42 27.07
N HIS C 69 1.18 8.80 28.06
CA HIS C 69 -0.05 9.30 28.64
C HIS C 69 -1.16 9.51 27.59
N GLY C 70 -1.18 8.67 26.55
CA GLY C 70 -2.22 8.74 25.53
C GLY C 70 -1.86 9.59 24.33
N ILE C 71 -0.85 10.44 24.45
CA ILE C 71 -0.48 11.38 23.40
C ILE C 71 0.73 10.86 22.64
N ILE C 72 0.69 10.92 21.31
CA ILE C 72 1.85 10.58 20.49
C ILE C 72 2.94 11.63 20.69
N THR C 73 4.13 11.19 21.09
CA THR C 73 5.25 12.10 21.34
C THR C 73 6.48 11.82 20.51
N ASN C 74 6.53 10.67 19.84
CA ASN C 74 7.63 10.36 18.97
C ASN C 74 7.08 9.88 17.62
N TRP C 75 7.08 10.78 16.66
CA TRP C 75 6.43 10.55 15.38
C TRP C 75 7.14 9.55 14.47
N ASP C 76 8.47 9.51 14.53
CA ASP C 76 9.24 8.54 13.75
C ASP C 76 8.93 7.13 14.25
N ASP C 77 8.94 6.95 15.55
CA ASP C 77 8.65 5.63 16.11
C ASP C 77 7.18 5.27 15.93
N MET C 78 6.28 6.26 15.99
CA MET C 78 4.87 6.01 15.78
C MET C 78 4.62 5.47 14.38
N GLU C 79 5.29 6.06 13.41
CA GLU C 79 5.26 5.58 12.04
C GLU C 79 5.70 4.12 11.91
N LYS C 80 6.78 3.74 12.60
CA LYS C 80 7.20 2.34 12.63
C LYS C 80 6.07 1.45 13.22
N ILE C 81 5.43 1.90 14.28
CA ILE C 81 4.28 1.15 14.84
C ILE C 81 3.16 0.97 13.81
N TRP C 82 2.81 2.03 13.08
CA TRP C 82 1.73 1.93 12.13
C TRP C 82 2.10 1.02 10.99
N HIS C 83 3.36 1.07 10.59
CA HIS C 83 3.85 0.23 9.50
C HIS C 83 3.81 -1.26 9.88
N HIS C 84 4.33 -1.54 11.07
CA HIS C 84 4.25 -2.88 11.66
C HIS C 84 2.80 -3.38 11.78
N THR C 85 1.88 -2.49 12.16
CA THR C 85 0.47 -2.84 12.24
C THR C 85 -0.11 -3.22 10.89
N PHE C 86 0.10 -2.40 9.87
CA PHE C 86 -0.46 -2.67 8.56
C PHE C 86 0.21 -3.89 7.95
N TYR C 87 1.53 -3.91 7.95
CA TYR C 87 2.22 -4.93 7.17
C TYR C 87 2.40 -6.25 7.92
N ASN C 88 3.01 -6.21 9.09
CA ASN C 88 3.37 -7.45 9.80
C ASN C 88 2.23 -8.07 10.57
N GLU C 89 1.38 -7.25 11.19
CA GLU C 89 0.28 -7.79 11.97
C GLU C 89 -0.95 -8.13 11.13
N LEU C 90 -1.47 -7.15 10.40
CA LEU C 90 -2.71 -7.37 9.66
C LEU C 90 -2.47 -7.87 8.24
N ARG C 91 -1.25 -7.69 7.73
CA ARG C 91 -0.87 -8.18 6.41
C ARG C 91 -1.78 -7.58 5.33
N VAL C 92 -1.91 -6.25 5.34
CA VAL C 92 -2.75 -5.56 4.38
C VAL C 92 -1.96 -4.52 3.59
N ALA C 93 -2.56 -4.07 2.47
CA ALA C 93 -2.11 -2.89 1.74
C ALA C 93 -2.95 -1.71 2.20
N PRO C 94 -2.35 -0.78 2.96
CA PRO C 94 -3.14 0.29 3.55
C PRO C 94 -3.86 1.16 2.53
N GLU C 95 -3.27 1.29 1.34
CA GLU C 95 -3.92 2.03 0.27
C GLU C 95 -5.28 1.46 -0.20
N GLU C 96 -5.62 0.24 0.22
CA GLU C 96 -6.93 -0.36 -0.09
C GLU C 96 -7.98 -0.25 1.03
N HIS C 97 -7.60 0.32 2.17
CA HIS C 97 -8.48 0.21 3.35
C HIS C 97 -8.73 1.52 4.05
N PRO C 98 -10.00 1.95 4.12
CA PRO C 98 -10.29 3.12 4.94
C PRO C 98 -9.84 2.77 6.34
N THR C 99 -9.24 3.70 7.07
CA THR C 99 -8.67 3.39 8.38
C THR C 99 -9.18 4.34 9.45
N LEU C 100 -9.82 3.78 10.47
CA LEU C 100 -10.29 4.55 11.61
C LEU C 100 -9.22 4.46 12.72
N LEU C 101 -8.75 5.60 13.17
CA LEU C 101 -7.75 5.67 14.26
C LEU C 101 -8.41 6.29 15.49
N THR C 102 -7.74 6.18 16.63
CA THR C 102 -8.28 6.74 17.88
C THR C 102 -7.29 7.73 18.50
N GLU C 103 -7.81 8.65 19.31
CA GLU C 103 -6.98 9.63 20.02
C GLU C 103 -7.46 9.83 21.45
N ALA C 104 -6.57 10.28 22.32
CA ALA C 104 -6.92 10.64 23.69
C ALA C 104 -7.82 11.87 23.72
N PRO C 105 -8.63 11.98 24.79
CA PRO C 105 -9.33 13.22 25.05
C PRO C 105 -8.31 14.35 25.12
N LEU C 106 -8.67 15.53 24.61
CA LEU C 106 -7.82 16.74 24.66
C LEU C 106 -6.52 16.64 23.84
N ASN C 107 -6.46 15.69 22.91
CA ASN C 107 -5.34 15.60 21.97
C ASN C 107 -5.17 16.92 21.21
N PRO C 108 -3.96 17.50 21.24
CA PRO C 108 -3.84 18.79 20.55
C PRO C 108 -4.16 18.70 19.06
N LYS C 109 -4.73 19.77 18.53
CA LYS C 109 -5.06 19.87 17.11
C LYS C 109 -3.89 19.53 16.20
N ALA C 110 -2.70 20.04 16.54
CA ALA C 110 -1.51 19.77 15.74
C ALA C 110 -1.24 18.26 15.62
N ASN C 111 -1.50 17.50 16.68
CA ASN C 111 -1.26 16.05 16.63
C ASN C 111 -2.23 15.36 15.73
N ARG C 112 -3.48 15.78 15.80
CA ARG C 112 -4.51 15.22 14.96
C ARG C 112 -4.18 15.43 13.48
N GLU C 113 -3.72 16.64 13.16
CA GLU C 113 -3.31 16.96 11.80
C GLU C 113 -2.15 16.10 11.32
N LYS C 114 -1.16 15.88 12.18
CA LYS C 114 0.00 15.13 11.81
C LYS C 114 -0.32 13.63 11.60
N MET C 115 -1.20 13.08 12.45
CA MET C 115 -1.76 11.74 12.22
C MET C 115 -2.40 11.65 10.84
N THR C 116 -3.18 12.67 10.49
CA THR C 116 -3.87 12.68 9.21
C THR C 116 -2.87 12.75 8.05
N GLN C 117 -1.89 13.60 8.18
CA GLN C 117 -0.87 13.75 7.16
C GLN C 117 -0.08 12.47 6.94
N ILE C 118 0.33 11.80 8.01
CA ILE C 118 1.04 10.54 7.87
C ILE C 118 0.18 9.45 7.22
N MET C 119 -1.08 9.34 7.61
CA MET C 119 -1.96 8.32 7.03
C MET C 119 -2.15 8.49 5.53
N PHE C 120 -2.40 9.72 5.10
CA PHE C 120 -2.62 9.97 3.68
C PHE C 120 -1.31 10.03 2.89
N GLU C 121 -0.26 10.64 3.45
CA GLU C 121 0.95 10.83 2.66
C GLU C 121 1.92 9.68 2.73
N THR C 122 2.07 9.04 3.88
CA THR C 122 3.02 7.95 4.03
C THR C 122 2.36 6.61 3.68
N PHE C 123 1.15 6.38 4.17
CA PHE C 123 0.47 5.09 3.96
C PHE C 123 -0.56 5.08 2.84
N ASN C 124 -0.91 6.26 2.34
N ASN C 124 -0.91 6.25 2.32
CA ASN C 124 -1.79 6.39 1.18
CA ASN C 124 -1.78 6.39 1.16
C ASN C 124 -3.18 5.79 1.34
C ASN C 124 -3.17 5.79 1.34
N VAL C 125 -3.74 5.92 2.54
CA VAL C 125 -5.08 5.41 2.78
C VAL C 125 -6.11 6.10 1.90
N PRO C 126 -7.15 5.37 1.50
CA PRO C 126 -8.17 5.95 0.66
C PRO C 126 -9.13 6.85 1.44
N ALA C 127 -9.16 6.65 2.77
CA ALA C 127 -10.00 7.44 3.67
C ALA C 127 -9.58 7.18 5.09
N MET C 128 -9.88 8.10 5.98
CA MET C 128 -9.54 7.92 7.37
C MET C 128 -10.46 8.74 8.28
N TYR C 129 -10.37 8.44 9.55
CA TYR C 129 -11.17 9.12 10.58
C TYR C 129 -10.48 8.97 11.92
N VAL C 130 -10.59 9.97 12.78
CA VAL C 130 -10.03 9.91 14.11
C VAL C 130 -11.15 10.13 15.10
N ALA C 131 -11.34 9.17 15.99
CA ALA C 131 -12.37 9.24 17.02
C ALA C 131 -11.74 9.31 18.40
N ILE C 132 -12.41 9.98 19.32
CA ILE C 132 -11.94 10.04 20.70
C ILE C 132 -12.22 8.69 21.36
N GLN C 133 -11.18 8.12 21.98
CA GLN C 133 -11.24 6.81 22.60
C GLN C 133 -12.43 6.60 23.54
N ALA C 134 -12.63 7.48 24.48
CA ALA C 134 -13.71 7.29 25.45
C ALA C 134 -15.06 7.25 24.72
N VAL C 135 -15.19 8.07 23.69
CA VAL C 135 -16.44 8.18 22.97
C VAL C 135 -16.73 6.84 22.28
N LEU C 136 -15.69 6.21 21.76
CA LEU C 136 -15.87 4.89 21.16
C LEU C 136 -16.33 3.88 22.20
N SER C 137 -15.77 3.94 23.41
CA SER C 137 -16.14 3.01 24.48
C SER C 137 -17.62 3.18 24.83
N LEU C 138 -18.08 4.42 24.90
CA LEU C 138 -19.50 4.70 25.12
C LEU C 138 -20.40 4.09 24.02
N TYR C 139 -20.04 4.30 22.75
CA TYR C 139 -20.73 3.71 21.63
C TYR C 139 -20.81 2.21 21.71
N ALA C 140 -19.75 1.57 22.20
CA ALA C 140 -19.72 0.09 22.28
C ALA C 140 -20.75 -0.44 23.23
N SER C 141 -21.16 0.38 24.19
CA SER C 141 -22.19 0.01 25.13
C SER C 141 -23.57 0.46 24.66
N GLY C 142 -23.74 0.86 23.43
CA GLY C 142 -25.05 1.27 22.93
C GLY C 142 -25.47 2.67 23.33
N ARG C 143 -24.56 3.47 23.89
CA ARG C 143 -24.90 4.80 24.41
C ARG C 143 -24.26 5.97 23.64
N THR C 144 -24.93 7.10 23.64
CA THR C 144 -24.43 8.36 23.07
C THR C 144 -24.35 9.48 24.13
N THR C 145 -24.95 9.25 25.29
CA THR C 145 -24.73 10.12 26.43
C THR C 145 -24.35 9.28 27.64
N GLY C 146 -23.36 9.76 28.41
CA GLY C 146 -22.89 9.03 29.58
C GLY C 146 -21.55 9.58 29.98
N ILE C 147 -20.93 8.95 30.98
CA ILE C 147 -19.62 9.36 31.47
C ILE C 147 -18.71 8.15 31.53
N VAL C 148 -17.63 8.23 30.77
CA VAL C 148 -16.70 7.12 30.65
C VAL C 148 -15.52 7.32 31.60
N LEU C 149 -15.13 6.27 32.31
CA LEU C 149 -13.85 6.21 33.01
C LEU C 149 -12.98 5.26 32.16
N ASP C 150 -11.96 5.81 31.51
CA ASP C 150 -11.09 5.05 30.62
C ASP C 150 -9.73 5.04 31.30
N SER C 151 -9.25 3.85 31.63
CA SER C 151 -8.00 3.70 32.36
C SER C 151 -7.19 2.60 31.75
N GLY C 152 -6.04 2.96 31.18
CA GLY C 152 -5.18 2.03 30.44
C GLY C 152 -3.84 1.81 31.15
N ASP C 153 -2.75 1.84 30.39
CA ASP C 153 -1.42 1.57 30.93
C ASP C 153 -0.71 2.87 31.33
N GLY C 154 -1.12 3.98 30.72
CA GLY C 154 -0.41 5.23 30.87
C GLY C 154 -1.21 6.41 31.38
N VAL C 155 -2.51 6.39 31.22
CA VAL C 155 -3.32 7.52 31.64
C VAL C 155 -4.73 7.07 31.97
N THR C 156 -5.38 7.83 32.84
CA THR C 156 -6.77 7.62 33.17
C THR C 156 -7.52 8.93 32.89
N HIS C 157 -8.72 8.83 32.31
CA HIS C 157 -9.56 10.00 32.07
C HIS C 157 -10.97 9.73 32.49
N ASN C 158 -11.64 10.80 32.90
CA ASN C 158 -13.09 10.83 33.00
C ASN C 158 -13.60 11.69 31.88
N VAL C 159 -14.54 11.17 31.09
CA VAL C 159 -15.04 11.89 29.93
C VAL C 159 -16.55 11.86 29.95
N PRO C 160 -17.18 12.97 30.38
CA PRO C 160 -18.60 13.14 30.17
C PRO C 160 -18.90 13.49 28.72
N ILE C 161 -19.96 12.87 28.19
CA ILE C 161 -20.28 12.94 26.78
C ILE C 161 -21.77 13.22 26.60
N TYR C 162 -22.06 14.25 25.82
CA TYR C 162 -23.41 14.62 25.46
C TYR C 162 -23.64 14.39 23.97
N GLU C 163 -24.52 13.44 23.66
CA GLU C 163 -24.86 13.07 22.31
C GLU C 163 -23.65 13.05 21.37
N GLY C 164 -22.66 12.26 21.80
CA GLY C 164 -21.46 12.01 21.06
C GLY C 164 -20.39 13.07 21.19
N TYR C 165 -20.66 14.17 21.89
CA TYR C 165 -19.69 15.26 22.07
C TYR C 165 -19.10 15.22 23.48
N ALA C 166 -17.79 15.02 23.57
CA ALA C 166 -17.08 15.07 24.86
C ALA C 166 -17.11 16.49 25.34
N LEU C 167 -17.48 16.70 26.60
CA LEU C 167 -17.65 18.03 27.13
C LEU C 167 -16.32 18.52 27.63
N PRO C 168 -15.67 19.43 26.88
CA PRO C 168 -14.24 19.72 27.11
C PRO C 168 -13.87 20.29 28.50
N HIS C 169 -14.73 21.08 29.10
CA HIS C 169 -14.43 21.67 30.41
C HIS C 169 -14.59 20.70 31.57
N ALA C 170 -15.26 19.58 31.35
CA ALA C 170 -15.48 18.57 32.41
C ALA C 170 -14.60 17.31 32.29
N ILE C 171 -13.78 17.23 31.25
CA ILE C 171 -12.86 16.12 31.11
C ILE C 171 -11.77 16.25 32.17
N MET C 172 -11.45 15.12 32.83
CA MET C 172 -10.40 15.03 33.84
C MET C 172 -9.34 14.04 33.41
N ARG C 173 -8.09 14.44 33.54
CA ARG C 173 -6.96 13.57 33.27
C ARG C 173 -6.22 13.30 34.58
N LEU C 174 -5.86 12.04 34.76
CA LEU C 174 -5.16 11.57 35.97
C LEU C 174 -3.99 10.67 35.52
N ASP C 175 -2.75 11.10 35.78
CA ASP C 175 -1.58 10.28 35.43
C ASP C 175 -1.38 9.23 36.52
N LEU C 176 -2.27 8.27 36.52
CA LEU C 176 -2.21 7.11 37.38
C LEU C 176 -2.91 6.04 36.60
N ALA C 177 -2.16 5.04 36.13
CA ALA C 177 -2.74 3.99 35.33
C ALA C 177 -1.92 2.68 35.50
N GLY C 178 -2.03 1.75 34.56
CA GLY C 178 -1.58 0.39 34.82
C GLY C 178 -0.11 0.21 35.15
N ARG C 179 0.72 0.95 34.43
CA ARG C 179 2.17 0.88 34.61
C ARG C 179 2.56 1.37 36.00
N ASP C 180 1.82 2.36 36.52
CA ASP C 180 2.08 2.85 37.87
C ASP C 180 1.70 1.76 38.87
N LEU C 181 0.60 1.07 38.62
CA LEU C 181 0.15 -0.01 39.51
C LEU C 181 1.14 -1.18 39.46
N THR C 182 1.62 -1.52 38.27
CA THR C 182 2.69 -2.53 38.13
C THR C 182 3.96 -2.13 38.94
N ASP C 183 4.38 -0.89 38.82
CA ASP C 183 5.57 -0.43 39.54
C ASP C 183 5.32 -0.46 41.04
N TYR C 184 4.11 -0.11 41.46
CA TYR C 184 3.77 -0.18 42.89
C TYR C 184 3.78 -1.61 43.43
N LEU C 185 3.25 -2.56 42.65
CA LEU C 185 3.31 -3.96 43.06
C LEU C 185 4.77 -4.44 43.17
N MET C 186 5.63 -4.01 42.25
CA MET C 186 7.06 -4.33 42.35
C MET C 186 7.62 -3.85 43.69
N LYS C 187 7.28 -2.63 44.09
CA LYS C 187 7.76 -2.07 45.36
C LYS C 187 7.25 -2.84 46.59
N ILE C 188 5.95 -3.08 46.67
CA ILE C 188 5.39 -3.76 47.84
C ILE C 188 5.70 -5.26 47.91
N LEU C 189 6.07 -5.85 46.78
CA LEU C 189 6.55 -7.23 46.77
C LEU C 189 7.85 -7.40 47.58
N THR C 190 8.60 -6.31 47.77
CA THR C 190 9.80 -6.38 48.63
C THR C 190 9.46 -6.58 50.10
N GLU C 191 8.23 -6.30 50.52
CA GLU C 191 7.86 -6.53 51.91
C GLU C 191 7.94 -7.99 52.28
N ARG C 192 7.59 -8.87 51.33
CA ARG C 192 7.76 -10.31 51.54
C ARG C 192 9.15 -10.82 51.14
N GLY C 193 10.10 -9.93 50.87
CA GLY C 193 11.44 -10.33 50.49
C GLY C 193 11.71 -10.60 49.01
N TYR C 194 10.70 -10.43 48.16
CA TYR C 194 10.86 -10.73 46.74
C TYR C 194 11.53 -9.53 46.09
N SER C 195 12.34 -9.75 45.08
CA SER C 195 13.01 -8.64 44.40
C SER C 195 12.81 -8.71 42.89
N PHE C 196 12.11 -7.71 42.38
CA PHE C 196 11.86 -7.57 40.97
C PHE C 196 12.31 -6.19 40.60
N VAL C 197 13.28 -6.13 39.69
CA VAL C 197 14.04 -4.92 39.41
C VAL C 197 14.15 -4.67 37.90
N THR C 198 14.59 -5.70 37.20
CA THR C 198 14.78 -5.70 35.77
C THR C 198 13.50 -5.39 34.98
N THR C 199 13.66 -4.82 33.80
CA THR C 199 12.54 -4.51 32.92
C THR C 199 11.82 -5.79 32.49
N ALA C 200 12.59 -6.83 32.21
CA ALA C 200 12.02 -8.18 32.06
C ALA C 200 11.16 -8.57 33.28
N GLU C 201 11.69 -8.31 34.46
CA GLU C 201 10.98 -8.59 35.70
C GLU C 201 9.74 -7.74 35.89
N ARG C 202 9.75 -6.50 35.38
CA ARG C 202 8.54 -5.67 35.41
C ARG C 202 7.43 -6.36 34.61
N GLU C 203 7.78 -6.98 33.48
CA GLU C 203 6.76 -7.72 32.70
C GLU C 203 6.18 -8.89 33.47
N ILE C 204 7.00 -9.55 34.28
CA ILE C 204 6.54 -10.63 35.12
C ILE C 204 5.59 -10.09 36.16
N VAL C 205 5.99 -9.00 36.82
CA VAL C 205 5.11 -8.40 37.82
C VAL C 205 3.79 -7.92 37.21
N ARG C 206 3.83 -7.39 35.99
CA ARG C 206 2.61 -6.98 35.31
C ARG C 206 1.63 -8.16 35.24
N ASP C 207 2.15 -9.32 34.88
CA ASP C 207 1.28 -10.50 34.73
C ASP C 207 0.73 -10.97 36.10
N ILE C 208 1.57 -10.91 37.14
CA ILE C 208 1.13 -11.21 38.51
C ILE C 208 -0.02 -10.28 38.90
N LYS C 209 0.16 -9.00 38.63
CA LYS C 209 -0.87 -7.99 38.86
C LYS C 209 -2.18 -8.37 38.21
N GLU C 210 -2.11 -8.67 36.94
CA GLU C 210 -3.28 -9.05 36.18
C GLU C 210 -3.93 -10.35 36.66
N LYS C 211 -3.14 -11.31 37.15
CA LYS C 211 -3.72 -12.59 37.55
C LYS C 211 -4.30 -12.57 38.96
N LEU C 212 -3.63 -11.90 39.88
CA LEU C 212 -3.94 -12.06 41.31
C LEU C 212 -4.62 -10.84 41.94
N CYS C 213 -4.56 -9.67 41.32
CA CYS C 213 -5.04 -8.47 42.02
C CYS C 213 -6.54 -8.31 41.95
N TYR C 214 -7.10 -7.62 42.95
CA TYR C 214 -8.52 -7.29 42.96
C TYR C 214 -8.80 -6.07 43.82
N VAL C 215 -9.96 -5.46 43.60
CA VAL C 215 -10.41 -4.31 44.36
C VAL C 215 -11.32 -4.76 45.49
N ALA C 216 -10.96 -4.39 46.71
CA ALA C 216 -11.75 -4.71 47.89
C ALA C 216 -13.00 -3.84 47.94
N LEU C 217 -14.11 -4.42 48.37
CA LEU C 217 -15.36 -3.67 48.53
C LEU C 217 -15.24 -2.68 49.66
N ASP C 218 -14.65 -3.12 50.77
CA ASP C 218 -14.23 -2.22 51.85
C ASP C 218 -12.82 -2.56 52.22
N PHE C 219 -11.94 -1.58 52.10
CA PHE C 219 -10.50 -1.82 52.18
C PHE C 219 -10.13 -2.23 53.60
N GLU C 220 -10.60 -1.46 54.59
CA GLU C 220 -10.24 -1.72 56.00
C GLU C 220 -10.72 -3.09 56.45
N ASN C 221 -11.92 -3.47 56.05
CA ASN C 221 -12.44 -4.80 56.36
C ASN C 221 -11.66 -5.92 55.66
N GLU C 222 -11.19 -5.68 54.44
CA GLU C 222 -10.38 -6.66 53.73
C GLU C 222 -8.98 -6.79 54.34
N MET C 223 -8.39 -5.68 54.75
CA MET C 223 -7.14 -5.73 55.47
C MET C 223 -7.29 -6.64 56.70
N ALA C 224 -8.38 -6.47 57.43
CA ALA C 224 -8.60 -7.28 58.63
C ALA C 224 -8.70 -8.76 58.26
N THR C 225 -9.48 -9.09 57.21
CA THR C 225 -9.60 -10.49 56.79
C THR C 225 -8.23 -11.06 56.44
N ALA C 226 -7.39 -10.24 55.81
CA ALA C 226 -6.05 -10.68 55.41
C ALA C 226 -5.15 -10.92 56.60
N ALA C 227 -5.31 -10.15 57.67
CA ALA C 227 -4.47 -10.31 58.85
C ALA C 227 -4.89 -11.50 59.71
N SER C 228 -6.16 -11.89 59.61
CA SER C 228 -6.71 -12.87 60.54
C SER C 228 -6.56 -14.31 60.05
N SER C 229 -6.23 -14.50 58.79
CA SER C 229 -5.91 -15.82 58.30
C SER C 229 -5.20 -15.68 56.97
N SER C 230 -4.89 -16.82 56.35
CA SER C 230 -4.25 -16.84 55.06
C SER C 230 -5.26 -17.11 53.92
N SER C 231 -6.56 -16.95 54.19
CA SER C 231 -7.60 -17.28 53.20
C SER C 231 -7.54 -16.46 51.91
N LEU C 232 -6.95 -15.27 51.98
CA LEU C 232 -6.85 -14.42 50.79
C LEU C 232 -5.56 -14.62 49.98
N GLU C 233 -4.67 -15.49 50.44
CA GLU C 233 -3.39 -15.65 49.76
C GLU C 233 -3.52 -16.45 48.49
N LYS C 234 -2.79 -15.99 47.48
CA LYS C 234 -2.66 -16.72 46.23
C LYS C 234 -1.20 -16.69 45.83
N SER C 235 -0.84 -17.68 45.03
CA SER C 235 0.53 -17.88 44.58
C SER C 235 0.64 -17.88 43.06
N TYR C 236 1.81 -17.46 42.58
CA TYR C 236 2.10 -17.43 41.16
C TYR C 236 3.50 -17.98 41.04
N GLU C 237 3.67 -19.04 40.28
CA GLU C 237 4.97 -19.67 40.19
C GLU C 237 5.72 -19.25 38.93
N LEU C 238 6.97 -18.83 39.09
CA LEU C 238 7.83 -18.49 37.94
C LEU C 238 8.40 -19.75 37.32
N PRO C 239 8.86 -19.66 36.07
CA PRO C 239 9.44 -20.84 35.40
C PRO C 239 10.63 -21.48 36.14
N ASP C 240 11.40 -20.70 36.86
CA ASP C 240 12.49 -21.27 37.67
C ASP C 240 12.06 -21.93 39.00
N GLY C 241 10.77 -22.00 39.25
CA GLY C 241 10.27 -22.62 40.46
C GLY C 241 10.09 -21.73 41.68
N GLN C 242 10.37 -20.44 41.54
CA GLN C 242 10.11 -19.53 42.64
C GLN C 242 8.62 -19.29 42.75
N VAL C 243 8.08 -19.52 43.94
CA VAL C 243 6.69 -19.29 44.18
C VAL C 243 6.51 -17.90 44.82
N ILE C 244 5.76 -17.03 44.15
CA ILE C 244 5.42 -15.74 44.68
C ILE C 244 4.01 -15.78 45.34
N THR C 245 3.97 -15.59 46.64
CA THR C 245 2.73 -15.66 47.38
C THR C 245 2.44 -14.29 47.96
N ILE C 246 1.23 -13.77 47.70
CA ILE C 246 0.79 -12.49 48.26
C ILE C 246 -0.60 -12.60 48.85
N GLY C 247 -0.86 -11.73 49.80
CA GLY C 247 -2.15 -11.66 50.51
C GLY C 247 -2.76 -10.29 50.28
N ASN C 248 -2.49 -9.35 51.19
CA ASN C 248 -3.12 -8.05 51.07
C ASN C 248 -2.56 -7.21 49.94
N GLU C 249 -1.37 -7.56 49.44
CA GLU C 249 -0.83 -6.91 48.24
C GLU C 249 -1.75 -7.08 47.03
N ARG C 250 -2.55 -8.14 47.02
CA ARG C 250 -3.49 -8.39 45.96
C ARG C 250 -4.46 -7.22 45.80
N PHE C 251 -4.91 -6.64 46.91
CA PHE C 251 -5.87 -5.54 46.83
C PHE C 251 -5.28 -4.17 47.16
N ARG C 252 -4.16 -4.13 47.87
CA ARG C 252 -3.46 -2.86 48.08
C ARG C 252 -2.99 -2.26 46.76
N CYS C 253 -2.60 -3.10 45.81
CA CYS C 253 -2.10 -2.59 44.55
C CYS C 253 -3.14 -1.71 43.82
N PRO C 254 -4.29 -2.28 43.45
CA PRO C 254 -5.30 -1.43 42.84
C PRO C 254 -6.06 -0.46 43.77
N GLU C 255 -5.98 -0.65 45.08
CA GLU C 255 -6.49 0.37 46.02
C GLU C 255 -5.94 1.76 45.71
N THR C 256 -4.71 1.80 45.20
CA THR C 256 -4.07 3.04 44.73
C THR C 256 -4.96 3.93 43.84
N LEU C 257 -5.80 3.30 43.01
CA LEU C 257 -6.72 4.04 42.14
C LEU C 257 -7.69 4.87 42.95
N PHE C 258 -8.12 4.34 44.11
CA PHE C 258 -9.02 5.05 45.03
C PHE C 258 -8.26 5.88 46.05
N GLN C 259 -7.03 5.48 46.39
CA GLN C 259 -6.19 6.25 47.30
C GLN C 259 -4.82 6.48 46.72
N PRO C 260 -4.67 7.51 45.87
CA PRO C 260 -3.38 7.75 45.23
C PRO C 260 -2.24 8.10 46.18
N SER C 261 -2.56 8.41 47.44
CA SER C 261 -1.51 8.69 48.41
C SER C 261 -0.60 7.46 48.60
N PHE C 262 -1.11 6.27 48.31
CA PHE C 262 -0.28 5.04 48.28
C PHE C 262 0.99 5.15 47.46
N ILE C 263 0.99 5.94 46.39
CA ILE C 263 2.19 6.14 45.57
C ILE C 263 2.68 7.59 45.62
N GLY C 264 2.33 8.30 46.69
CA GLY C 264 2.82 9.66 46.89
C GLY C 264 2.18 10.71 46.01
N MET C 265 0.98 10.45 45.51
CA MET C 265 0.25 11.44 44.70
C MET C 265 -0.76 12.09 45.60
N GLU C 266 -1.00 13.38 45.39
CA GLU C 266 -1.99 14.12 46.19
C GLU C 266 -3.39 14.13 45.54
N SER C 267 -3.47 13.79 44.26
CA SER C 267 -4.74 13.69 43.55
C SER C 267 -5.86 12.94 44.29
N ALA C 268 -7.09 13.31 43.96
CA ALA C 268 -8.23 12.51 44.36
C ALA C 268 -8.22 11.18 43.57
N GLY C 269 -8.84 10.16 44.16
CA GLY C 269 -8.98 8.87 43.52
C GLY C 269 -10.05 8.91 42.44
N ILE C 270 -10.21 7.78 41.75
CA ILE C 270 -11.07 7.71 40.55
C ILE C 270 -12.56 7.87 40.81
N HIS C 271 -13.03 7.44 41.97
CA HIS C 271 -14.39 7.74 42.42
C HIS C 271 -14.63 9.26 42.49
N GLU C 272 -13.65 10.00 43.02
CA GLU C 272 -13.77 11.43 43.21
C GLU C 272 -13.55 12.19 41.93
N THR C 273 -12.61 11.76 41.09
CA THR C 273 -12.47 12.40 39.80
C THR C 273 -13.75 12.17 38.98
N THR C 274 -14.41 11.03 39.15
CA THR C 274 -15.69 10.80 38.44
C THR C 274 -16.77 11.79 38.90
N TYR C 275 -16.86 11.95 40.22
CA TYR C 275 -17.80 12.86 40.82
C TYR C 275 -17.50 14.28 40.43
N ASN C 276 -16.24 14.70 40.55
CA ASN C 276 -15.83 16.05 40.18
C ASN C 276 -16.14 16.40 38.69
N SER C 277 -15.89 15.43 37.82
CA SER C 277 -16.19 15.57 36.41
C SER C 277 -17.68 15.79 36.18
N ILE C 278 -18.51 14.95 36.80
CA ILE C 278 -19.97 15.13 36.75
C ILE C 278 -20.38 16.51 37.29
N MET C 279 -19.68 16.99 38.31
CA MET C 279 -20.06 18.28 38.92
C MET C 279 -19.61 19.46 38.08
N LYS C 280 -18.70 19.25 37.12
CA LYS C 280 -18.36 20.29 36.15
C LYS C 280 -19.32 20.35 34.97
N CYS C 281 -20.32 19.48 34.96
CA CYS C 281 -21.33 19.46 33.94
C CYS C 281 -22.61 20.15 34.47
N ASP C 282 -23.42 20.62 33.55
CA ASP C 282 -24.69 21.25 33.90
C ASP C 282 -25.56 20.29 34.69
N ILE C 283 -26.17 20.81 35.74
CA ILE C 283 -27.02 19.98 36.60
C ILE C 283 -28.06 19.19 35.80
N ASP C 284 -28.50 19.71 34.65
CA ASP C 284 -29.55 19.06 33.88
C ASP C 284 -29.13 17.80 33.15
N ILE C 285 -27.82 17.54 33.10
CA ILE C 285 -27.30 16.31 32.48
C ILE C 285 -26.82 15.26 33.52
N ARG C 286 -26.60 15.69 34.77
CA ARG C 286 -25.92 14.85 35.77
C ARG C 286 -26.62 13.52 36.00
N LYS C 287 -27.94 13.54 35.96
CA LYS C 287 -28.75 12.36 36.17
C LYS C 287 -28.43 11.26 35.18
N ASP C 288 -28.34 11.66 33.91
CA ASP C 288 -28.04 10.70 32.88
C ASP C 288 -26.58 10.25 32.99
N LEU C 289 -25.69 11.11 33.47
CA LEU C 289 -24.30 10.70 33.66
C LEU C 289 -24.19 9.66 34.79
N TYR C 290 -24.76 9.98 35.96
CA TYR C 290 -24.83 9.03 37.08
C TYR C 290 -25.38 7.68 36.69
N ALA C 291 -26.42 7.67 35.86
CA ALA C 291 -27.07 6.45 35.46
C ALA C 291 -26.33 5.72 34.32
N ASN C 292 -25.30 6.32 33.75
CA ASN C 292 -24.61 5.72 32.58
C ASN C 292 -23.10 5.93 32.72
N ASN C 293 -22.54 5.40 33.78
CA ASN C 293 -21.12 5.43 34.04
C ASN C 293 -20.45 4.23 33.45
N VAL C 294 -19.76 4.40 32.34
CA VAL C 294 -19.16 3.27 31.64
C VAL C 294 -17.68 3.16 31.95
N MET C 295 -17.24 1.95 32.28
CA MET C 295 -15.84 1.67 32.55
C MET C 295 -15.15 1.03 31.35
N SER C 296 -13.98 1.57 31.02
CA SER C 296 -13.26 1.20 29.82
C SER C 296 -11.77 1.09 30.10
N GLY C 297 -11.12 0.14 29.45
CA GLY C 297 -9.69 0.01 29.48
C GLY C 297 -9.23 -1.09 30.41
N GLY C 298 -7.99 -1.54 30.19
CA GLY C 298 -7.41 -2.65 30.93
C GLY C 298 -7.34 -2.46 32.44
N THR C 299 -7.07 -1.24 32.89
CA THR C 299 -6.92 -0.99 34.32
C THR C 299 -8.26 -0.97 35.09
N THR C 300 -9.39 -1.01 34.36
CA THR C 300 -10.70 -1.22 34.97
C THR C 300 -11.10 -2.68 35.06
N MET C 301 -10.20 -3.61 34.74
CA MET C 301 -10.53 -5.04 34.78
C MET C 301 -10.45 -5.73 36.15
N TYR C 302 -9.95 -5.04 37.16
CA TYR C 302 -9.80 -5.67 38.48
C TYR C 302 -11.16 -6.19 38.96
N PRO C 303 -11.25 -7.49 39.31
CA PRO C 303 -12.48 -7.96 39.95
C PRO C 303 -12.86 -7.05 41.14
N GLY C 304 -14.16 -6.79 41.29
CA GLY C 304 -14.67 -5.96 42.37
C GLY C 304 -14.69 -4.46 42.13
N ILE C 305 -14.09 -3.99 41.02
CA ILE C 305 -13.96 -2.56 40.85
C ILE C 305 -15.32 -1.91 40.63
N ALA C 306 -16.21 -2.56 39.88
CA ALA C 306 -17.54 -2.02 39.62
C ALA C 306 -18.34 -1.82 40.89
N ASP C 307 -18.37 -2.85 41.74
CA ASP C 307 -19.09 -2.77 43.01
C ASP C 307 -18.48 -1.73 43.92
N ARG C 308 -17.17 -1.63 43.95
CA ARG C 308 -16.53 -0.57 44.74
C ARG C 308 -16.89 0.83 44.23
N MET C 309 -16.85 1.01 42.91
CA MET C 309 -17.17 2.32 42.33
C MET C 309 -18.64 2.68 42.62
N GLN C 310 -19.53 1.70 42.50
CA GLN C 310 -20.95 1.90 42.83
C GLN C 310 -21.12 2.41 44.26
N LYS C 311 -20.43 1.77 45.19
CA LYS C 311 -20.45 2.17 46.59
C LYS C 311 -19.89 3.57 46.79
N GLU C 312 -18.75 3.87 46.17
CA GLU C 312 -18.08 5.15 46.41
C GLU C 312 -18.87 6.31 45.79
N ILE C 313 -19.36 6.10 44.57
CA ILE C 313 -20.12 7.15 43.90
C ILE C 313 -21.42 7.42 44.65
N THR C 314 -22.06 6.35 45.12
CA THR C 314 -23.24 6.44 45.96
C THR C 314 -23.01 7.32 47.18
N ALA C 315 -21.86 7.14 47.82
CA ALA C 315 -21.51 7.95 48.99
C ALA C 315 -21.31 9.42 48.66
N LEU C 316 -20.86 9.70 47.43
CA LEU C 316 -20.62 11.08 46.97
C LEU C 316 -21.86 11.77 46.40
N ALA C 317 -22.79 11.00 45.84
CA ALA C 317 -23.89 11.59 45.11
C ALA C 317 -25.05 11.95 46.03
N PRO C 318 -25.98 12.80 45.54
CA PRO C 318 -27.24 13.01 46.29
C PRO C 318 -27.93 11.69 46.62
N SER C 319 -28.52 11.60 47.82
CA SER C 319 -28.97 10.31 48.35
C SER C 319 -30.03 9.62 47.48
N THR C 320 -30.79 10.39 46.71
CA THR C 320 -31.85 9.81 45.89
C THR C 320 -31.40 9.50 44.45
N MET C 321 -30.15 9.82 44.12
CA MET C 321 -29.64 9.65 42.76
C MET C 321 -29.54 8.16 42.36
N LYS C 322 -30.07 7.85 41.18
CA LYS C 322 -29.95 6.52 40.59
C LYS C 322 -28.52 6.40 40.01
N ILE C 323 -27.75 5.44 40.52
CA ILE C 323 -26.35 5.26 40.11
C ILE C 323 -26.18 3.93 39.44
N LYS C 324 -25.48 3.93 38.32
CA LYS C 324 -25.25 2.68 37.62
C LYS C 324 -23.87 2.67 36.96
N ILE C 325 -23.11 1.61 37.23
CA ILE C 325 -21.80 1.42 36.67
C ILE C 325 -21.93 0.32 35.65
N ILE C 326 -21.50 0.59 34.43
CA ILE C 326 -21.53 -0.42 33.38
C ILE C 326 -20.08 -0.80 33.15
N ALA C 327 -19.77 -2.06 33.38
CA ALA C 327 -18.43 -2.57 33.26
C ALA C 327 -18.49 -3.83 32.42
N PRO C 328 -18.46 -3.68 31.10
CA PRO C 328 -18.64 -4.85 30.25
C PRO C 328 -17.45 -5.82 30.33
N PRO C 329 -17.70 -7.12 30.14
CA PRO C 329 -16.62 -8.09 30.22
C PRO C 329 -15.51 -7.85 29.18
N GLU C 330 -15.88 -7.23 28.07
CA GLU C 330 -14.97 -7.01 26.93
C GLU C 330 -14.17 -5.68 27.04
N ARG C 331 -14.20 -5.05 28.20
CA ARG C 331 -13.74 -3.66 28.34
C ARG C 331 -12.23 -3.37 28.20
N LYS C 332 -11.39 -4.38 28.18
CA LYS C 332 -10.01 -4.22 27.68
C LYS C 332 -9.99 -3.76 26.20
N TYR C 333 -11.05 -4.05 25.46
CA TYR C 333 -11.11 -3.76 24.02
C TYR C 333 -12.31 -2.91 23.62
N SER C 334 -12.96 -2.26 24.58
CA SER C 334 -14.14 -1.44 24.30
C SER C 334 -13.91 -0.30 23.32
N VAL C 335 -12.78 0.39 23.47
CA VAL C 335 -12.43 1.44 22.52
C VAL C 335 -12.43 0.85 21.12
N TRP C 336 -11.69 -0.23 20.96
CA TRP C 336 -11.55 -0.85 19.68
C TRP C 336 -12.94 -1.28 19.16
N ILE C 337 -13.74 -1.94 19.99
CA ILE C 337 -15.02 -2.47 19.55
C ILE C 337 -15.98 -1.35 19.11
N GLY C 338 -15.97 -0.24 19.84
CA GLY C 338 -16.69 0.93 19.42
C GLY C 338 -16.31 1.47 18.05
N GLY C 339 -15.05 1.40 17.73
CA GLY C 339 -14.55 1.79 16.42
C GLY C 339 -14.99 0.85 15.33
N SER C 340 -14.96 -0.43 15.63
CA SER C 340 -15.42 -1.49 14.74
C SER C 340 -16.91 -1.31 14.40
N ILE C 341 -17.70 -1.05 15.41
CA ILE C 341 -19.11 -0.77 15.23
C ILE C 341 -19.29 0.48 14.36
N LEU C 342 -18.66 1.57 14.78
CA LEU C 342 -18.82 2.86 14.10
C LEU C 342 -18.44 2.79 12.63
N ALA C 343 -17.29 2.21 12.36
CA ALA C 343 -16.74 2.17 11.03
C ALA C 343 -17.56 1.30 10.06
N SER C 344 -18.41 0.41 10.58
CA SER C 344 -19.20 -0.45 9.71
C SER C 344 -20.69 -0.08 9.63
N LEU C 345 -21.09 1.00 10.28
CA LEU C 345 -22.47 1.49 10.16
C LEU C 345 -22.61 2.16 8.81
N SER C 346 -23.72 1.90 8.12
CA SER C 346 -23.96 2.60 6.85
C SER C 346 -24.10 4.10 7.08
N THR C 347 -24.70 4.48 8.20
CA THR C 347 -24.89 5.90 8.56
C THR C 347 -23.60 6.65 8.86
N PHE C 348 -22.48 5.96 8.99
CA PHE C 348 -21.19 6.61 9.24
C PHE C 348 -20.45 6.87 7.94
N GLN C 349 -20.87 6.24 6.86
CA GLN C 349 -20.01 6.15 5.68
C GLN C 349 -19.69 7.51 5.03
N GLN C 350 -20.60 8.46 5.17
CA GLN C 350 -20.36 9.79 4.65
C GLN C 350 -19.39 10.60 5.51
N MET C 351 -18.98 10.10 6.67
CA MET C 351 -18.13 10.89 7.57
C MET C 351 -16.64 10.60 7.48
N TRP C 352 -16.26 9.63 6.66
CA TRP C 352 -14.83 9.44 6.43
C TRP C 352 -14.27 10.71 5.80
N ILE C 353 -13.05 11.08 6.18
CA ILE C 353 -12.24 12.00 5.41
C ILE C 353 -11.69 11.21 4.23
N THR C 354 -11.93 11.70 3.00
CA THR C 354 -11.56 10.98 1.78
C THR C 354 -10.22 11.49 1.30
N LYS C 355 -9.52 10.68 0.53
CA LYS C 355 -8.24 11.11 -0.01
C LYS C 355 -8.41 12.34 -0.93
N GLN C 356 -9.54 12.44 -1.62
CA GLN C 356 -9.82 13.61 -2.47
C GLN C 356 -9.86 14.91 -1.64
N GLU C 357 -10.53 14.85 -0.50
CA GLU C 357 -10.57 15.99 0.42
C GLU C 357 -9.19 16.35 0.95
N TYR C 358 -8.44 15.35 1.39
CA TYR C 358 -7.10 15.59 1.83
C TYR C 358 -6.24 16.17 0.71
N ASP C 359 -6.34 15.60 -0.47
CA ASP C 359 -5.58 16.08 -1.59
C ASP C 359 -5.80 17.56 -1.90
N GLU C 360 -7.05 18.03 -1.73
CA GLU C 360 -7.41 19.41 -2.01
C GLU C 360 -7.21 20.38 -0.85
N ALA C 361 -7.57 19.94 0.35
CA ALA C 361 -7.58 20.82 1.53
C ALA C 361 -6.41 20.59 2.46
N GLY C 362 -5.83 19.40 2.48
CA GLY C 362 -4.70 19.09 3.34
C GLY C 362 -5.12 18.69 4.74
N PRO C 363 -4.14 18.57 5.65
CA PRO C 363 -4.33 18.03 6.99
C PRO C 363 -5.42 18.68 7.83
N SER C 364 -5.58 19.99 7.68
CA SER C 364 -6.47 20.74 8.55
C SER C 364 -7.92 20.36 8.36
N ILE C 365 -8.22 19.71 7.23
CA ILE C 365 -9.55 19.13 6.98
C ILE C 365 -10.03 18.23 8.14
N VAL C 366 -9.11 17.61 8.85
CA VAL C 366 -9.51 16.71 9.93
C VAL C 366 -10.45 17.38 10.97
N HIS C 367 -10.30 18.67 11.22
CA HIS C 367 -11.13 19.39 12.22
C HIS C 367 -12.53 19.73 11.74
N ARG C 368 -12.77 19.57 10.45
CA ARG C 368 -14.10 19.78 9.89
C ARG C 368 -15.18 19.03 10.67
N SER D 1 -32.17 14.55 11.45
CA SER D 1 -30.79 15.09 11.25
C SER D 1 -29.86 13.95 10.80
N LEU D 2 -28.79 14.33 10.08
CA LEU D 2 -27.61 13.46 9.90
C LEU D 2 -27.27 12.66 11.15
N HIS D 3 -27.29 13.38 12.27
CA HIS D 3 -26.73 12.92 13.51
C HIS D 3 -27.72 12.02 14.20
N SER D 4 -29.00 12.35 14.11
CA SER D 4 -30.06 11.53 14.69
C SER D 4 -30.05 10.13 14.08
N ALA D 5 -29.77 10.04 12.78
CA ALA D 5 -29.70 8.74 12.12
C ALA D 5 -28.47 7.95 12.64
N LEU D 6 -27.33 8.62 12.77
CA LEU D 6 -26.14 7.95 13.30
C LEU D 6 -26.35 7.55 14.77
N NLE D 7 -26.86 8.49 15.56
CA NLE D 7 -27.16 8.25 16.98
C NLE D 7 -28.09 7.08 17.14
O NLE D 7 -27.89 6.24 18.01
CB NLE D 7 -27.87 9.46 17.60
CG NLE D 7 -27.03 10.22 18.64
CD NLE D 7 -25.96 11.08 18.02
CE NLE D 7 -24.65 10.33 17.84
N GLU D 8 -29.13 7.03 16.30
CA GLU D 8 -30.11 5.95 16.42
C GLU D 8 -29.46 4.61 16.05
N ALA D 9 -28.62 4.62 15.04
CA ALA D 9 -27.92 3.42 14.65
C ALA D 9 -26.98 2.92 15.77
N ILE D 10 -26.38 3.86 16.49
CA ILE D 10 -25.51 3.47 17.59
C ILE D 10 -26.32 2.82 18.70
N HIS D 11 -27.48 3.43 19.01
CA HIS D 11 -28.33 2.91 20.06
C HIS D 11 -28.85 1.54 19.75
N SER D 12 -29.06 1.23 18.48
CA SER D 12 -29.69 -0.05 18.13
C SER D 12 -28.72 -1.02 17.45
N SER D 13 -27.41 -0.79 17.63
CA SER D 13 -26.37 -1.64 17.02
C SER D 13 -26.23 -3.00 17.69
N GLY D 14 -26.69 -3.10 18.94
CA GLY D 14 -26.57 -4.36 19.70
C GLY D 14 -25.16 -4.75 20.12
N GLY D 15 -24.19 -3.85 19.96
CA GLY D 15 -22.87 -4.07 20.54
C GLY D 15 -22.16 -5.24 19.90
N ARG D 16 -21.15 -5.75 20.59
CA ARG D 16 -20.30 -6.77 20.01
C ARG D 16 -20.99 -8.05 19.58
N GLU D 17 -22.14 -8.37 20.19
CA GLU D 17 -22.88 -9.61 19.84
C GLU D 17 -23.33 -9.62 18.39
N LYS D 18 -23.51 -8.44 17.79
CA LYS D 18 -23.93 -8.34 16.41
C LYS D 18 -22.77 -8.25 15.43
N LEU D 19 -21.53 -8.24 15.94
CA LEU D 19 -20.34 -8.20 15.09
C LEU D 19 -19.92 -9.63 14.79
N ARG D 20 -18.98 -9.76 13.86
CA ARG D 20 -18.45 -11.06 13.42
C ARG D 20 -17.54 -11.65 14.49
N LYS D 21 -17.84 -12.89 14.87
CA LYS D 21 -17.03 -13.64 15.81
C LYS D 21 -15.67 -13.84 15.17
N VAL D 22 -14.62 -13.59 15.94
CA VAL D 22 -13.28 -13.92 15.49
C VAL D 22 -12.93 -15.27 16.08
PG ATP E . 12.23 -0.38 -27.02
O1G ATP E . 12.55 0.00 -25.59
O2G ATP E . 10.75 -0.38 -27.20
O3G ATP E . 12.98 0.43 -28.05
PB ATP E . 12.33 -3.18 -28.06
O1B ATP E . 11.24 -2.76 -29.02
O2B ATP E . 13.55 -3.93 -28.52
O3B ATP E . 12.86 -1.88 -27.22
PA ATP E . 10.67 -5.27 -26.94
O1A ATP E . 9.30 -4.77 -26.69
O2A ATP E . 10.99 -6.07 -28.18
O3A ATP E . 11.72 -4.00 -26.83
O5' ATP E . 11.05 -6.08 -25.65
C5' ATP E . 12.38 -6.62 -25.39
C4' ATP E . 12.63 -6.50 -23.88
O4' ATP E . 11.55 -7.15 -23.23
C3' ATP E . 13.93 -7.11 -23.35
O3' ATP E . 14.45 -6.31 -22.28
C2' ATP E . 13.48 -8.42 -22.80
O2' ATP E . 14.36 -8.94 -21.83
C1' ATP E . 12.10 -8.05 -22.26
N9 ATP E . 11.28 -9.26 -22.07
C8 ATP E . 10.87 -10.12 -23.04
N7 ATP E . 10.15 -11.13 -22.51
C5 ATP E . 10.12 -10.91 -21.18
C6 ATP E . 9.55 -11.64 -20.06
N6 ATP E . 8.87 -12.77 -20.31
N1 ATP E . 9.76 -11.13 -18.85
C2 ATP E . 10.46 -9.99 -18.64
N3 ATP E . 11.01 -9.24 -19.63
C4 ATP E . 10.87 -9.69 -20.89
CA CA F . 9.58 -1.15 -29.18
CA CA G . -13.05 19.34 -22.25
CA CA H . -8.14 -17.43 -37.38
PG ATP I . -3.63 4.20 27.73
O1G ATP I . -3.34 4.52 29.18
O2G ATP I . -5.09 4.12 27.45
O3G ATP I . -2.83 5.01 26.77
PB ATP I . -3.49 1.46 26.63
O1B ATP I . -4.57 1.95 25.71
O2B ATP I . -2.32 0.67 26.18
O3B ATP I . -2.97 2.70 27.56
PA ATP I . -5.23 -0.63 27.70
O1A ATP I . -6.56 -0.01 27.98
O2A ATP I . -4.88 -1.45 26.51
O3A ATP I . -4.15 0.58 27.84
O5' ATP I . -4.86 -1.43 29.02
C5' ATP I . -3.55 -1.96 29.30
C4' ATP I . -3.28 -1.89 30.81
O4' ATP I . -4.30 -2.63 31.48
C3' ATP I . -1.97 -2.50 31.30
O3' ATP I . -1.38 -1.75 32.37
C2' ATP I . -2.39 -3.84 31.83
O2' ATP I . -1.50 -4.44 32.75
C1' ATP I . -3.76 -3.53 32.41
N9 ATP I . -4.57 -4.76 32.53
C8 ATP I . -4.94 -5.61 31.52
N7 ATP I . -5.64 -6.64 32.04
C5 ATP I . -5.73 -6.47 33.36
C6 ATP I . -6.32 -7.19 34.49
N6 ATP I . -6.99 -8.33 34.27
N1 ATP I . -6.16 -6.69 35.71
C2 ATP I . -5.48 -5.53 35.92
N3 ATP I . -4.93 -4.80 34.95
C4 ATP I . -5.01 -5.23 33.68
CA CA J . -6.22 3.40 25.50
CA CA K . -29.11 23.84 32.63
CA CA L . -3.23 15.47 -6.15
CA CA M . -23.86 -13.01 17.67
#